data_9R3B
#
_entry.id   9R3B
#
_cell.length_a   154.808
_cell.length_b   154.808
_cell.length_c   128.517
_cell.angle_alpha   90.000
_cell.angle_beta   90.000
_cell.angle_gamma   90.000
#
_symmetry.space_group_name_H-M   'I 4 2 2'
#
loop_
_entity.id
_entity.type
_entity.pdbx_description
1 polymer Cholinesterase
2 branched alpha-L-fucopyranose-(1-6)-2-acetamido-2-deoxy-beta-D-glucopyranose
3 branched 2-acetamido-2-deoxy-beta-D-glucopyranose-(1-4)-[alpha-L-fucopyranose-(1-6)]2-acetamido-2-deoxy-beta-D-glucopyranose
4 non-polymer 2-acetamido-2-deoxy-beta-D-glucopyranose
5 non-polymer GLYCEROL
6 non-polymer N-(2-methoxyethyl)-N-[[(3R)-1-(phenylmethyl)piperidin-3-yl]methyl]naphthalene-2-sulfonamide
7 non-polymer 'DIMETHYL SULFOXIDE'
8 non-polymer '2-(N-MORPHOLINO)-ETHANESULFONIC ACID'
9 non-polymer 'N-acetyl-alpha-neuraminic acid'
10 non-polymer 'SULFATE ION'
11 non-polymer 'CHLORIDE ION'
12 water water
#
_entity_poly.entity_id   1
_entity_poly.type   'polypeptide(L)'
_entity_poly.pdbx_seq_one_letter_code
;EDDIIIATKNGKVRGMQLTVFGGTVTAFLGIPYAQPPLGRLRFKKPQSLTKWSDIWNATKYANSCCQNIDQSFPGFHGSE
MWNPNTDLSEDCLYLNVWIPAPKPKNATVLIWIYGGGFQTGTSSLHVYDGKFLARVERVIVVSMNYRVGALGFLALPGNP
EAPGNMGLFDQQLALQWVQKNIAAFGGNPKSVTLFGESAGAASVSLHLLSPGSHSLFTRAILQSGSFNAPWAVTSLYEAR
NRTLNLAKLTGCSRENETEIIKCLRNKDPQEILLNEAFVVPYGTPLSVNFGPTVDGDFLTDMPDILLELGQFKKTQILVG
VNKDEGTAFLVYGAPGFSKDNNSIITRKEFQEGLKIFFPGVSEFGKESILFHYTDWVDDQRPENYREALGDVVGDYNFIC
PALEFTKKFSEWGNNAFFYYFEHRSSKLPWPEWMGVMHGYEIEFVFGLPLERRDQYTKAEEILSRSIVKRWANFAKYGNP
QETQNQSTSWPVFKSTEQKYLTLNTESTRIMTKLRAQQCRFWTSFFPKV
;
_entity_poly.pdbx_strand_id   A
#
loop_
_chem_comp.id
_chem_comp.type
_chem_comp.name
_chem_comp.formula
A1JC3 non-polymer N-(2-methoxyethyl)-N-[[(3R)-1-(phenylmethyl)piperidin-3-yl]methyl]naphthalene-2-sulfonamide 'C26 H32 N2 O3 S'
CL non-polymer 'CHLORIDE ION' 'Cl -1'
DMS non-polymer 'DIMETHYL SULFOXIDE' 'C2 H6 O S'
FUC L-saccharide, alpha linking alpha-L-fucopyranose 'C6 H12 O5'
GOL non-polymer GLYCEROL 'C3 H8 O3'
MES non-polymer '2-(N-MORPHOLINO)-ETHANESULFONIC ACID' 'C6 H13 N O4 S'
NAG D-saccharide, beta linking 2-acetamido-2-deoxy-beta-D-glucopyranose 'C8 H15 N O6'
SIA D-saccharide, alpha linking 'N-acetyl-alpha-neuraminic acid' 'C11 H19 N O9'
SO4 non-polymer 'SULFATE ION' 'O4 S -2'
#
# COMPACT_ATOMS: atom_id res chain seq x y z
N ILE A 4 -26.47 -14.45 12.21
CA ILE A 4 -25.77 -14.91 11.02
C ILE A 4 -26.10 -13.98 9.84
N ILE A 5 -27.18 -13.21 9.97
CA ILE A 5 -27.66 -12.32 8.92
C ILE A 5 -27.71 -10.89 9.46
N ILE A 6 -27.25 -9.95 8.65
CA ILE A 6 -27.19 -8.54 9.04
C ILE A 6 -27.94 -7.72 8.00
N ALA A 7 -28.76 -6.79 8.47
CA ALA A 7 -29.54 -5.92 7.60
C ALA A 7 -28.72 -4.67 7.29
N THR A 8 -28.25 -4.56 6.05
CA THR A 8 -27.55 -3.39 5.57
C THR A 8 -28.51 -2.48 4.81
N LYS A 9 -28.04 -1.27 4.49
CA LYS A 9 -28.91 -0.28 3.85
C LYS A 9 -29.43 -0.78 2.50
N ASN A 10 -28.67 -1.63 1.80
CA ASN A 10 -29.01 -2.09 0.47
C ASN A 10 -29.57 -3.51 0.45
N GLY A 11 -29.65 -4.18 1.59
CA GLY A 11 -30.14 -5.53 1.64
C GLY A 11 -29.49 -6.31 2.75
N LYS A 12 -29.98 -7.52 2.95
CA LYS A 12 -29.44 -8.42 3.96
C LYS A 12 -28.24 -9.19 3.41
N VAL A 13 -27.25 -9.40 4.26
CA VAL A 13 -26.13 -10.26 3.94
C VAL A 13 -26.02 -11.36 4.99
N ARG A 14 -25.66 -12.56 4.54
CA ARG A 14 -25.36 -13.67 5.43
C ARG A 14 -23.85 -13.90 5.48
N GLY A 15 -23.34 -14.10 6.69
CA GLY A 15 -21.93 -14.39 6.86
C GLY A 15 -21.67 -15.83 7.24
N MET A 16 -20.57 -16.05 7.96
CA MET A 16 -20.13 -17.40 8.26
C MET A 16 -19.25 -17.36 9.52
N GLN A 17 -19.33 -18.39 10.34
CA GLN A 17 -18.57 -18.45 11.57
C GLN A 17 -17.20 -19.03 11.31
N LEU A 18 -16.19 -18.49 12.00
CA LEU A 18 -14.85 -19.04 11.96
C LEU A 18 -14.35 -19.27 13.37
N THR A 19 -13.60 -20.35 13.54
CA THR A 19 -12.97 -20.67 14.82
C THR A 19 -11.56 -20.09 14.81
N VAL A 20 -11.26 -19.21 15.77
CA VAL A 20 -9.95 -18.60 15.91
C VAL A 20 -9.59 -18.61 17.39
N PHE A 21 -8.49 -19.31 17.73
CA PHE A 21 -7.93 -19.30 19.08
C PHE A 21 -8.98 -19.63 20.14
N GLY A 22 -9.64 -20.77 19.98
CA GLY A 22 -10.66 -21.15 20.94
C GLY A 22 -11.80 -20.16 21.07
N GLY A 23 -11.95 -19.26 20.10
CA GLY A 23 -13.04 -18.31 20.09
C GLY A 23 -13.72 -18.32 18.73
N THR A 24 -14.50 -17.28 18.42
CA THR A 24 -15.24 -17.21 17.17
C THR A 24 -15.11 -15.81 16.56
N VAL A 25 -14.92 -15.78 15.23
CA VAL A 25 -15.01 -14.54 14.46
C VAL A 25 -16.05 -14.73 13.36
N THR A 26 -16.88 -13.72 13.13
CA THR A 26 -17.87 -13.75 12.06
C THR A 26 -17.31 -12.98 10.87
N ALA A 27 -17.28 -13.64 9.71
CA ALA A 27 -16.71 -13.09 8.48
C ALA A 27 -17.80 -12.88 7.46
N PHE A 28 -17.80 -11.72 6.81
CA PHE A 28 -18.63 -11.43 5.65
C PHE A 28 -17.65 -11.15 4.53
N LEU A 29 -17.48 -12.12 3.64
CA LEU A 29 -16.49 -12.04 2.57
C LEU A 29 -17.21 -11.82 1.24
N GLY A 30 -16.83 -10.77 0.53
CA GLY A 30 -17.45 -10.47 -0.75
C GLY A 30 -18.81 -9.80 -0.72
N ILE A 31 -18.95 -8.73 0.06
CA ILE A 31 -20.12 -7.86 0.01
C ILE A 31 -19.92 -6.86 -1.12
N PRO A 32 -20.87 -6.72 -2.04
CA PRO A 32 -20.67 -5.74 -3.10
C PRO A 32 -20.93 -4.35 -2.56
N TYR A 33 -20.12 -3.39 -3.01
CA TYR A 33 -20.28 -2.03 -2.54
C TYR A 33 -20.48 -1.04 -3.68
N ALA A 34 -20.57 -1.50 -4.93
CA ALA A 34 -20.77 -0.60 -6.07
C ALA A 34 -21.36 -1.41 -7.23
N GLN A 35 -21.98 -0.70 -8.15
CA GLN A 35 -22.39 -1.32 -9.41
C GLN A 35 -21.16 -1.89 -10.12
N PRO A 36 -21.20 -3.13 -10.59
CA PRO A 36 -20.07 -3.67 -11.37
C PRO A 36 -19.69 -2.73 -12.50
N PRO A 37 -18.43 -2.33 -12.57
CA PRO A 37 -18.05 -1.28 -13.55
C PRO A 37 -17.81 -1.84 -14.94
N LEU A 38 -18.87 -2.40 -15.53
CA LEU A 38 -18.82 -3.16 -16.78
C LEU A 38 -19.45 -2.36 -17.92
N GLY A 39 -19.06 -2.73 -19.14
CA GLY A 39 -19.73 -2.16 -20.30
C GLY A 39 -19.46 -0.66 -20.39
N ARG A 40 -20.52 0.13 -20.46
CA ARG A 40 -20.37 1.58 -20.51
C ARG A 40 -19.83 2.17 -19.21
N LEU A 41 -19.76 1.37 -18.13
CA LEU A 41 -19.21 1.85 -16.86
C LEU A 41 -17.71 1.65 -16.75
N ARG A 42 -17.06 0.93 -17.68
CA ARG A 42 -15.60 0.81 -17.64
C ARG A 42 -14.96 2.19 -17.75
N PHE A 43 -13.99 2.46 -16.86
CA PHE A 43 -13.19 3.68 -16.73
C PHE A 43 -13.92 4.81 -15.99
N LYS A 44 -15.20 4.66 -15.67
CA LYS A 44 -15.90 5.73 -14.96
C LYS A 44 -15.77 5.54 -13.45
N LYS A 45 -16.06 6.62 -12.73
CA LYS A 45 -16.19 6.55 -11.29
C LYS A 45 -17.25 5.50 -10.93
N PRO A 46 -17.16 4.91 -9.73
CA PRO A 46 -18.05 3.79 -9.37
C PRO A 46 -19.44 4.27 -9.02
N GLN A 47 -20.45 3.70 -9.69
CA GLN A 47 -21.83 4.08 -9.48
C GLN A 47 -22.44 3.36 -8.29
N SER A 48 -23.48 3.96 -7.74
CA SER A 48 -24.14 3.44 -6.54
C SER A 48 -24.85 2.13 -6.83
N LEU A 49 -24.95 1.31 -5.78
CA LEU A 49 -25.60 0.01 -5.84
C LEU A 49 -27.08 0.14 -5.49
N THR A 50 -27.94 -0.50 -6.27
CA THR A 50 -29.36 -0.52 -5.97
C THR A 50 -29.70 -1.76 -5.16
N LYS A 51 -30.75 -1.64 -4.35
CA LYS A 51 -31.04 -2.63 -3.33
C LYS A 51 -31.39 -3.99 -3.95
N TRP A 52 -31.16 -5.03 -3.16
CA TRP A 52 -31.61 -6.39 -3.44
C TRP A 52 -32.52 -6.84 -2.31
N SER A 53 -33.44 -7.75 -2.63
CA SER A 53 -34.47 -8.16 -1.67
C SER A 53 -34.16 -9.48 -0.98
N ASP A 54 -33.36 -10.35 -1.61
CA ASP A 54 -32.99 -11.64 -1.05
C ASP A 54 -31.99 -11.51 0.09
N ILE A 55 -31.25 -12.58 0.36
CA ILE A 55 -30.12 -12.56 1.27
C ILE A 55 -28.86 -12.78 0.43
N TRP A 56 -28.01 -11.77 0.36
CA TRP A 56 -26.71 -11.92 -0.29
C TRP A 56 -25.81 -12.83 0.53
N ASN A 57 -25.16 -13.77 -0.13
CA ASN A 57 -24.31 -14.76 0.53
C ASN A 57 -22.86 -14.27 0.48
N ALA A 58 -22.38 -13.74 1.60
CA ALA A 58 -21.00 -13.23 1.70
C ALA A 58 -20.15 -14.25 2.45
N THR A 59 -19.95 -15.38 1.81
CA THR A 59 -19.33 -16.54 2.43
C THR A 59 -18.05 -16.99 1.74
N LYS A 60 -17.62 -16.27 0.70
CA LYS A 60 -16.33 -16.53 0.07
C LYS A 60 -15.83 -15.22 -0.52
N TYR A 61 -14.52 -15.11 -0.61
CA TYR A 61 -13.92 -13.95 -1.26
C TYR A 61 -14.47 -13.80 -2.68
N ALA A 62 -14.67 -12.56 -3.11
CA ALA A 62 -15.14 -12.31 -4.46
C ALA A 62 -13.97 -12.25 -5.46
N ASN A 63 -14.31 -12.05 -6.74
CA ASN A 63 -13.30 -11.85 -7.79
C ASN A 63 -12.33 -10.73 -7.43
N SER A 64 -11.05 -10.92 -7.75
CA SER A 64 -10.09 -9.82 -7.74
C SER A 64 -10.19 -9.04 -9.04
N CYS A 65 -9.75 -7.79 -9.02
CA CYS A 65 -9.82 -6.96 -10.23
C CYS A 65 -8.80 -7.41 -11.28
N CYS A 66 -9.11 -7.11 -12.55
CA CYS A 66 -8.24 -7.46 -13.65
C CYS A 66 -6.84 -6.88 -13.47
N GLN A 67 -5.82 -7.68 -13.79
CA GLN A 67 -4.44 -7.27 -13.51
C GLN A 67 -3.47 -8.27 -14.13
N ASN A 68 -2.34 -7.75 -14.59
CA ASN A 68 -1.22 -8.60 -14.98
C ASN A 68 -0.63 -9.27 -13.75
N ILE A 69 0.01 -10.41 -13.97
CA ILE A 69 0.53 -11.26 -12.90
C ILE A 69 2.04 -11.28 -12.95
N ASP A 70 2.68 -11.19 -11.78
CA ASP A 70 4.12 -11.42 -11.66
C ASP A 70 4.43 -12.89 -11.96
N GLN A 71 4.98 -13.16 -13.15
CA GLN A 71 5.45 -14.50 -13.49
C GLN A 71 6.97 -14.62 -13.42
N SER A 72 7.63 -13.75 -12.67
CA SER A 72 9.09 -13.78 -12.58
C SER A 72 9.62 -15.06 -11.93
N PHE A 73 8.86 -15.68 -11.02
CA PHE A 73 9.36 -16.84 -10.29
C PHE A 73 8.24 -17.87 -10.12
N PRO A 74 7.79 -18.51 -11.21
CA PRO A 74 6.69 -19.48 -11.09
C PRO A 74 7.06 -20.58 -10.10
N GLY A 75 6.09 -20.96 -9.27
CA GLY A 75 6.28 -21.98 -8.24
C GLY A 75 6.92 -21.49 -6.95
N PHE A 76 7.45 -20.28 -6.93
CA PHE A 76 8.18 -19.75 -5.77
C PHE A 76 7.24 -18.99 -4.84
N HIS A 77 7.17 -19.42 -3.58
CA HIS A 77 6.21 -18.81 -2.66
C HIS A 77 6.50 -17.34 -2.37
N GLY A 78 7.78 -16.93 -2.43
CA GLY A 78 8.11 -15.55 -2.09
C GLY A 78 7.47 -14.55 -3.02
N SER A 79 7.25 -14.92 -4.29
CA SER A 79 6.51 -14.06 -5.21
C SER A 79 5.06 -14.45 -5.37
N GLU A 80 4.75 -15.74 -5.36
CA GLU A 80 3.38 -16.13 -5.63
C GLU A 80 2.44 -15.82 -4.45
N MET A 81 2.96 -15.64 -3.24
CA MET A 81 2.12 -15.19 -2.12
C MET A 81 1.47 -13.83 -2.37
N TRP A 82 2.00 -13.04 -3.31
CA TRP A 82 1.43 -11.75 -3.68
C TRP A 82 0.46 -11.81 -4.86
N ASN A 83 0.42 -12.91 -5.61
CA ASN A 83 -0.45 -13.02 -6.79
C ASN A 83 -1.91 -13.28 -6.40
N PRO A 84 -2.86 -12.82 -7.22
CA PRO A 84 -4.28 -12.96 -6.86
C PRO A 84 -4.65 -14.42 -6.65
N ASN A 85 -5.55 -14.66 -5.70
CA ASN A 85 -6.00 -16.01 -5.35
C ASN A 85 -7.51 -16.15 -5.49
N THR A 86 -8.15 -15.26 -6.24
CA THR A 86 -9.49 -15.49 -6.76
C THR A 86 -9.49 -15.09 -8.23
N ASP A 87 -10.49 -15.59 -8.98
CA ASP A 87 -10.66 -15.25 -10.39
C ASP A 87 -10.56 -13.74 -10.58
N LEU A 88 -9.85 -13.35 -11.63
CA LEU A 88 -9.87 -11.97 -12.08
C LEU A 88 -11.17 -11.70 -12.82
N SER A 89 -11.71 -10.49 -12.65
CA SER A 89 -12.91 -10.09 -13.37
C SER A 89 -13.04 -8.58 -13.23
N GLU A 90 -13.62 -7.95 -14.25
CA GLU A 90 -13.96 -6.54 -14.09
C GLU A 90 -15.01 -6.35 -13.00
N ASP A 91 -15.79 -7.39 -12.73
CA ASP A 91 -16.79 -7.39 -11.67
C ASP A 91 -16.04 -7.74 -10.38
N CYS A 92 -15.46 -6.72 -9.73
CA CYS A 92 -14.57 -6.98 -8.61
C CYS A 92 -14.72 -5.97 -7.46
N LEU A 93 -15.76 -5.13 -7.47
CA LEU A 93 -15.92 -4.10 -6.45
C LEU A 93 -16.70 -4.68 -5.27
N TYR A 94 -15.98 -5.44 -4.44
CA TYR A 94 -16.50 -6.10 -3.25
C TYR A 94 -15.62 -5.73 -2.06
N LEU A 95 -16.15 -5.94 -0.85
CA LEU A 95 -15.36 -5.73 0.36
C LEU A 95 -15.66 -6.85 1.35
N ASN A 96 -14.84 -6.90 2.40
CA ASN A 96 -14.86 -7.95 3.42
C ASN A 96 -14.96 -7.33 4.80
N VAL A 97 -15.69 -8.00 5.69
CA VAL A 97 -15.88 -7.51 7.05
C VAL A 97 -15.63 -8.68 8.00
N TRP A 98 -14.75 -8.49 8.97
CA TRP A 98 -14.55 -9.44 10.05
C TRP A 98 -15.02 -8.77 11.33
N ILE A 99 -15.98 -9.37 12.01
CA ILE A 99 -16.47 -8.80 13.26
C ILE A 99 -16.26 -9.78 14.41
N PRO A 100 -15.97 -9.28 15.60
CA PRO A 100 -15.79 -10.19 16.74
C PRO A 100 -17.10 -10.86 17.12
N ALA A 101 -16.96 -12.05 17.70
CA ALA A 101 -18.08 -12.75 18.31
C ALA A 101 -17.80 -12.90 19.80
N PRO A 102 -18.74 -12.50 20.68
CA PRO A 102 -20.08 -11.98 20.41
C PRO A 102 -20.00 -10.60 19.76
N LYS A 103 -21.00 -10.26 18.95
CA LYS A 103 -21.11 -9.00 18.22
C LYS A 103 -20.73 -7.86 19.13
N PRO A 104 -19.80 -6.99 18.73
CA PRO A 104 -19.40 -5.89 19.61
C PRO A 104 -20.50 -4.83 19.66
N LYS A 105 -20.36 -3.92 20.61
CA LYS A 105 -21.36 -2.88 20.79
C LYS A 105 -21.01 -1.60 20.02
N ASN A 106 -19.74 -1.23 20.00
CA ASN A 106 -19.31 0.02 19.37
C ASN A 106 -17.83 -0.04 19.03
N ALA A 107 -17.43 -1.02 18.22
CA ALA A 107 -16.02 -1.33 18.04
C ALA A 107 -15.35 -0.40 17.03
N THR A 108 -14.11 -0.04 17.34
CA THR A 108 -13.25 0.66 16.42
C THR A 108 -13.06 -0.17 15.15
N VAL A 109 -12.97 0.51 14.01
CA VAL A 109 -12.90 -0.13 12.70
C VAL A 109 -11.54 0.14 12.06
N LEU A 110 -10.90 -0.92 11.60
N LEU A 110 -10.89 -0.93 11.63
CA LEU A 110 -9.66 -0.81 10.84
CA LEU A 110 -9.68 -0.84 10.83
C LEU A 110 -9.94 -1.19 9.39
C LEU A 110 -10.05 -1.15 9.39
N ILE A 111 -9.63 -0.28 8.46
CA ILE A 111 -9.90 -0.49 7.04
C ILE A 111 -8.57 -0.64 6.31
N TRP A 112 -8.36 -1.82 5.71
CA TRP A 112 -7.10 -2.13 5.03
C TRP A 112 -7.18 -1.81 3.54
N ILE A 113 -6.14 -1.14 3.03
CA ILE A 113 -5.99 -0.80 1.62
C ILE A 113 -4.71 -1.44 1.13
N TYR A 114 -4.81 -2.43 0.23
CA TYR A 114 -3.62 -3.15 -0.21
C TYR A 114 -2.80 -2.33 -1.20
N GLY A 115 -1.53 -2.71 -1.32
CA GLY A 115 -0.65 -2.18 -2.31
C GLY A 115 -0.45 -3.14 -3.47
N GLY A 116 0.60 -2.87 -4.24
CA GLY A 116 0.82 -3.53 -5.51
C GLY A 116 1.06 -2.55 -6.63
N GLY A 117 1.71 -1.41 -6.32
CA GLY A 117 2.10 -0.46 -7.34
C GLY A 117 0.98 0.23 -8.10
N PHE A 118 -0.26 0.14 -7.58
CA PHE A 118 -1.48 0.54 -8.27
C PHE A 118 -1.78 -0.28 -9.53
N GLN A 119 -1.00 -1.32 -9.81
CA GLN A 119 -1.26 -2.18 -10.97
C GLN A 119 -1.76 -3.56 -10.58
N THR A 120 -1.55 -3.97 -9.34
CA THR A 120 -1.84 -5.32 -8.86
C THR A 120 -2.38 -5.25 -7.45
N GLY A 121 -2.85 -6.39 -6.95
CA GLY A 121 -3.20 -6.55 -5.56
C GLY A 121 -4.61 -7.09 -5.37
N THR A 122 -4.88 -7.71 -4.23
CA THR A 122 -6.25 -8.10 -3.92
C THR A 122 -6.37 -8.26 -2.41
N SER A 123 -7.59 -8.02 -1.90
CA SER A 123 -7.81 -8.07 -0.46
C SER A 123 -7.91 -9.49 0.08
N SER A 124 -7.94 -10.50 -0.78
CA SER A 124 -8.12 -11.87 -0.33
C SER A 124 -6.81 -12.58 -0.05
N LEU A 125 -5.67 -11.90 -0.17
CA LEU A 125 -4.39 -12.52 0.14
C LEU A 125 -4.39 -13.04 1.57
N HIS A 126 -3.75 -14.20 1.75
CA HIS A 126 -3.59 -14.82 3.06
C HIS A 126 -3.02 -13.84 4.10
N VAL A 127 -2.02 -13.04 3.70
CA VAL A 127 -1.41 -12.13 4.68
C VAL A 127 -2.30 -10.96 5.07
N TYR A 128 -3.45 -10.78 4.41
CA TYR A 128 -4.40 -9.71 4.74
C TYR A 128 -5.63 -10.23 5.48
N ASP A 129 -5.56 -11.42 6.05
CA ASP A 129 -6.71 -12.04 6.70
C ASP A 129 -7.02 -11.35 8.01
N GLY A 130 -8.17 -10.68 8.08
CA GLY A 130 -8.51 -9.87 9.24
C GLY A 130 -8.97 -10.61 10.49
N LYS A 131 -9.14 -11.94 10.42
CA LYS A 131 -9.77 -12.66 11.52
C LYS A 131 -8.93 -12.59 12.80
N PHE A 132 -7.60 -12.49 12.71
CA PHE A 132 -6.80 -12.49 13.93
C PHE A 132 -6.98 -11.20 14.71
N LEU A 133 -6.96 -10.05 14.01
CA LEU A 133 -7.15 -8.76 14.67
C LEU A 133 -8.51 -8.66 15.34
N ALA A 134 -9.56 -9.12 14.65
CA ALA A 134 -10.89 -9.14 15.23
C ALA A 134 -10.92 -10.02 16.48
N ARG A 135 -10.33 -11.20 16.41
CA ARG A 135 -10.33 -12.09 17.56
C ARG A 135 -9.55 -11.50 18.75
N VAL A 136 -8.35 -10.98 18.50
CA VAL A 136 -7.43 -10.66 19.58
C VAL A 136 -7.73 -9.29 20.18
N GLU A 137 -8.08 -8.30 19.35
CA GLU A 137 -8.25 -6.93 19.80
C GLU A 137 -9.69 -6.46 19.74
N ARG A 138 -10.63 -7.31 19.33
CA ARG A 138 -12.05 -6.95 19.28
C ARG A 138 -12.29 -5.67 18.49
N VAL A 139 -11.50 -5.44 17.45
CA VAL A 139 -11.81 -4.41 16.47
C VAL A 139 -12.50 -5.10 15.30
N ILE A 140 -13.16 -4.30 14.47
CA ILE A 140 -13.70 -4.78 13.20
C ILE A 140 -12.70 -4.46 12.11
N VAL A 141 -12.48 -5.41 11.20
CA VAL A 141 -11.56 -5.25 10.08
C VAL A 141 -12.34 -5.27 8.78
N VAL A 142 -12.12 -4.25 7.97
CA VAL A 142 -12.71 -4.13 6.64
C VAL A 142 -11.58 -3.99 5.63
N SER A 143 -11.73 -4.66 4.47
CA SER A 143 -10.82 -4.48 3.34
C SER A 143 -11.63 -4.53 2.05
N MET A 144 -11.17 -3.82 1.02
CA MET A 144 -11.90 -3.76 -0.24
C MET A 144 -10.98 -4.04 -1.43
N ASN A 145 -11.58 -4.52 -2.52
CA ASN A 145 -10.95 -4.55 -3.82
C ASN A 145 -11.24 -3.24 -4.54
N TYR A 146 -10.23 -2.71 -5.21
CA TYR A 146 -10.37 -1.47 -5.96
C TYR A 146 -9.65 -1.67 -7.30
N ARG A 147 -10.08 -0.94 -8.32
CA ARG A 147 -9.52 -1.19 -9.65
C ARG A 147 -8.09 -0.69 -9.76
N VAL A 148 -7.28 -1.44 -10.51
CA VAL A 148 -5.85 -1.20 -10.62
C VAL A 148 -5.47 -1.13 -12.10
N GLY A 149 -4.26 -0.65 -12.36
CA GLY A 149 -3.83 -0.52 -13.73
C GLY A 149 -4.68 0.47 -14.50
N ALA A 150 -4.66 0.32 -15.84
CA ALA A 150 -5.40 1.24 -16.69
C ALA A 150 -6.89 1.26 -16.36
N LEU A 151 -7.47 0.11 -16.00
CA LEU A 151 -8.90 0.05 -15.71
C LEU A 151 -9.26 0.86 -14.47
N GLY A 152 -8.29 1.14 -13.60
CA GLY A 152 -8.54 1.94 -12.42
C GLY A 152 -7.96 3.34 -12.45
N PHE A 153 -7.04 3.63 -13.38
CA PHE A 153 -6.35 4.91 -13.30
C PHE A 153 -6.08 5.54 -14.65
N LEU A 154 -6.63 5.01 -15.74
CA LEU A 154 -6.54 5.70 -17.03
C LEU A 154 -7.02 7.14 -16.89
N ALA A 155 -6.28 8.08 -17.47
CA ALA A 155 -6.53 9.49 -17.24
C ALA A 155 -6.75 10.23 -18.55
N LEU A 156 -7.94 10.81 -18.70
CA LEU A 156 -8.21 11.93 -19.62
C LEU A 156 -8.77 13.06 -18.76
N PRO A 157 -7.94 14.00 -18.32
CA PRO A 157 -8.36 14.90 -17.24
C PRO A 157 -9.53 15.78 -17.68
N GLY A 158 -10.52 15.88 -16.78
CA GLY A 158 -11.76 16.58 -17.03
C GLY A 158 -12.85 15.75 -17.71
N ASN A 159 -12.48 14.62 -18.31
CA ASN A 159 -13.42 13.81 -19.08
C ASN A 159 -14.05 12.75 -18.19
N PRO A 160 -15.34 12.85 -17.84
CA PRO A 160 -15.94 11.86 -16.93
C PRO A 160 -15.98 10.43 -17.47
N GLU A 161 -15.75 10.23 -18.78
CA GLU A 161 -15.67 8.89 -19.35
C GLU A 161 -14.40 8.15 -18.90
N ALA A 162 -13.35 8.89 -18.52
CA ALA A 162 -12.08 8.38 -18.05
C ALA A 162 -11.36 9.49 -17.28
N PRO A 163 -11.83 9.88 -16.09
CA PRO A 163 -11.26 11.06 -15.43
C PRO A 163 -9.95 10.79 -14.71
N GLY A 164 -9.60 9.54 -14.47
CA GLY A 164 -8.48 9.24 -13.61
C GLY A 164 -8.92 8.98 -12.18
N ASN A 165 -8.03 8.33 -11.42
CA ASN A 165 -8.23 8.09 -9.99
C ASN A 165 -9.46 7.23 -9.69
N MET A 166 -9.98 6.49 -10.67
CA MET A 166 -11.16 5.66 -10.39
C MET A 166 -10.92 4.67 -9.25
N GLY A 167 -9.75 4.01 -9.22
CA GLY A 167 -9.47 3.10 -8.11
C GLY A 167 -9.46 3.78 -6.74
N LEU A 168 -9.04 5.04 -6.69
CA LEU A 168 -9.14 5.79 -5.45
C LEU A 168 -10.60 6.10 -5.13
N PHE A 169 -11.41 6.43 -6.14
CA PHE A 169 -12.83 6.60 -5.86
C PHE A 169 -13.47 5.27 -5.48
N ASP A 170 -12.97 4.16 -6.00
CA ASP A 170 -13.41 2.85 -5.50
C ASP A 170 -13.16 2.72 -4.00
N GLN A 171 -11.91 2.96 -3.56
CA GLN A 171 -11.59 2.97 -2.14
C GLN A 171 -12.53 3.89 -1.38
N GLN A 172 -12.70 5.13 -1.87
CA GLN A 172 -13.53 6.10 -1.16
C GLN A 172 -14.99 5.67 -1.05
N LEU A 173 -15.50 4.95 -2.05
CA LEU A 173 -16.89 4.51 -1.98
C LEU A 173 -17.05 3.40 -0.95
N ALA A 174 -16.01 2.58 -0.76
CA ALA A 174 -16.03 1.58 0.30
C ALA A 174 -15.94 2.22 1.68
N LEU A 175 -15.14 3.28 1.84
CA LEU A 175 -15.15 4.00 3.12
C LEU A 175 -16.55 4.54 3.41
N GLN A 176 -17.23 5.01 2.37
CA GLN A 176 -18.60 5.48 2.51
C GLN A 176 -19.53 4.35 2.95
N TRP A 177 -19.35 3.15 2.38
CA TRP A 177 -20.17 2.01 2.77
C TRP A 177 -20.03 1.74 4.27
N VAL A 178 -18.80 1.86 4.80
CA VAL A 178 -18.58 1.64 6.22
C VAL A 178 -19.30 2.71 7.05
N GLN A 179 -19.27 3.96 6.60
CA GLN A 179 -19.99 5.01 7.33
C GLN A 179 -21.48 4.68 7.38
N LYS A 180 -22.08 4.32 6.24
CA LYS A 180 -23.51 4.08 6.18
C LYS A 180 -23.93 2.77 6.84
N ASN A 181 -23.04 1.77 6.93
CA ASN A 181 -23.46 0.41 7.25
C ASN A 181 -22.79 -0.22 8.46
N ILE A 182 -21.62 0.24 8.90
CA ILE A 182 -20.89 -0.59 9.87
C ILE A 182 -21.57 -0.61 11.24
N ALA A 183 -22.39 0.39 11.57
CA ALA A 183 -23.11 0.34 12.84
C ALA A 183 -24.02 -0.88 12.94
N ALA A 184 -24.55 -1.36 11.82
CA ALA A 184 -25.37 -2.56 11.85
C ALA A 184 -24.55 -3.81 12.17
N PHE A 185 -23.24 -3.76 11.96
CA PHE A 185 -22.33 -4.84 12.31
C PHE A 185 -21.74 -4.68 13.71
N GLY A 186 -22.15 -3.68 14.47
CA GLY A 186 -21.57 -3.41 15.76
C GLY A 186 -20.36 -2.49 15.73
N GLY A 187 -20.08 -1.86 14.60
CA GLY A 187 -18.95 -0.97 14.50
C GLY A 187 -19.30 0.45 14.84
N ASN A 188 -18.26 1.24 15.10
CA ASN A 188 -18.39 2.66 15.37
C ASN A 188 -17.91 3.48 14.17
N PRO A 189 -18.81 4.05 13.36
CA PRO A 189 -18.36 4.85 12.22
C PRO A 189 -17.57 6.10 12.61
N LYS A 190 -17.64 6.53 13.85
CA LYS A 190 -16.87 7.66 14.34
C LYS A 190 -15.46 7.28 14.78
N SER A 191 -15.09 5.98 14.69
CA SER A 191 -13.77 5.50 15.09
C SER A 191 -13.25 4.55 14.01
N VAL A 192 -12.78 5.14 12.90
CA VAL A 192 -12.32 4.39 11.73
C VAL A 192 -10.87 4.77 11.44
N THR A 193 -9.99 3.78 11.45
CA THR A 193 -8.60 4.01 11.10
C THR A 193 -8.30 3.32 9.78
N LEU A 194 -7.76 4.06 8.81
CA LEU A 194 -7.29 3.47 7.57
C LEU A 194 -5.88 2.96 7.78
N PHE A 195 -5.59 1.77 7.25
CA PHE A 195 -4.20 1.31 7.20
C PHE A 195 -3.93 0.62 5.87
N GLY A 196 -2.69 0.78 5.40
CA GLY A 196 -2.28 0.27 4.10
C GLY A 196 -0.77 0.19 4.02
N GLU A 197 -0.30 -0.55 3.02
CA GLU A 197 1.13 -0.77 2.82
C GLU A 197 1.48 -0.51 1.37
N SER A 198 2.65 0.11 1.14
CA SER A 198 3.20 0.37 -0.19
C SER A 198 2.22 1.26 -0.95
N ALA A 199 1.68 0.86 -2.12
CA ALA A 199 0.72 1.73 -2.79
C ALA A 199 -0.54 1.89 -1.96
N GLY A 200 -0.86 0.90 -1.10
CA GLY A 200 -1.95 1.09 -0.17
C GLY A 200 -1.70 2.21 0.83
N ALA A 201 -0.45 2.33 1.31
CA ALA A 201 -0.09 3.43 2.21
C ALA A 201 -0.09 4.76 1.45
N ALA A 202 0.44 4.77 0.22
CA ALA A 202 0.29 5.96 -0.62
C ALA A 202 -1.18 6.33 -0.77
N SER A 203 -2.05 5.33 -0.94
CA SER A 203 -3.48 5.59 -1.00
C SER A 203 -3.98 6.24 0.27
N VAL A 204 -3.60 5.68 1.43
CA VAL A 204 -4.03 6.28 2.70
C VAL A 204 -3.61 7.74 2.76
N SER A 205 -2.37 8.03 2.38
CA SER A 205 -1.92 9.43 2.45
C SER A 205 -2.73 10.33 1.50
N LEU A 206 -3.19 9.81 0.37
CA LEU A 206 -3.98 10.65 -0.53
C LEU A 206 -5.38 10.90 0.02
N HIS A 207 -5.93 9.96 0.79
CA HIS A 207 -7.20 10.21 1.48
C HIS A 207 -7.05 11.30 2.55
N LEU A 208 -5.87 11.42 3.18
CA LEU A 208 -5.63 12.55 4.07
C LEU A 208 -5.67 13.87 3.33
N LEU A 209 -5.32 13.86 2.03
CA LEU A 209 -5.35 15.08 1.23
C LEU A 209 -6.69 15.35 0.57
N SER A 210 -7.50 14.32 0.34
CA SER A 210 -8.70 14.51 -0.48
C SER A 210 -9.85 15.02 0.37
N PRO A 211 -10.39 16.20 0.08
CA PRO A 211 -11.46 16.74 0.96
C PRO A 211 -12.68 15.84 1.00
N GLY A 212 -12.98 15.13 -0.07
CA GLY A 212 -14.10 14.21 -0.06
C GLY A 212 -13.91 12.97 0.81
N SER A 213 -12.69 12.69 1.28
CA SER A 213 -12.51 11.57 2.22
C SER A 213 -12.48 12.01 3.67
N HIS A 214 -12.47 13.32 3.93
CA HIS A 214 -12.14 13.79 5.29
C HIS A 214 -13.15 13.29 6.32
N SER A 215 -14.43 13.25 5.97
CA SER A 215 -15.44 12.83 6.94
C SER A 215 -15.61 11.31 7.03
N LEU A 216 -14.87 10.55 6.24
CA LEU A 216 -15.03 9.10 6.14
C LEU A 216 -14.03 8.31 6.97
N PHE A 217 -13.15 8.97 7.75
CA PHE A 217 -12.23 8.23 8.62
C PHE A 217 -11.69 9.16 9.71
N THR A 218 -11.06 8.55 10.72
CA THR A 218 -10.54 9.24 11.91
C THR A 218 -9.02 9.40 11.92
N ARG A 219 -8.29 8.29 11.73
CA ARG A 219 -6.83 8.25 11.90
C ARG A 219 -6.24 7.46 10.75
N ALA A 220 -4.89 7.41 10.69
CA ALA A 220 -4.28 6.79 9.52
C ALA A 220 -2.93 6.17 9.85
N ILE A 221 -2.69 5.01 9.24
CA ILE A 221 -1.46 4.25 9.38
C ILE A 221 -0.87 4.05 7.99
N LEU A 222 0.41 4.39 7.82
CA LEU A 222 1.09 4.32 6.51
C LEU A 222 2.29 3.39 6.61
N GLN A 223 2.20 2.20 6.05
CA GLN A 223 3.28 1.23 6.13
C GLN A 223 4.07 1.22 4.81
N SER A 224 5.33 1.67 4.86
CA SER A 224 6.25 1.69 3.69
C SER A 224 5.63 2.38 2.47
N GLY A 225 5.07 3.57 2.65
CA GLY A 225 4.55 4.29 1.49
C GLY A 225 3.98 5.64 1.90
N SER A 226 3.96 6.55 0.92
CA SER A 226 3.34 7.87 1.03
C SER A 226 3.25 8.47 -0.37
N PHE A 227 2.33 9.44 -0.55
CA PHE A 227 2.10 9.98 -1.88
C PHE A 227 3.32 10.70 -2.47
N ASN A 228 4.22 11.22 -1.63
CA ASN A 228 5.40 11.92 -2.13
C ASN A 228 6.52 10.98 -2.57
N ALA A 229 6.33 9.66 -2.50
CA ALA A 229 7.33 8.77 -3.07
C ALA A 229 7.35 8.92 -4.60
N PRO A 230 8.53 8.79 -5.23
CA PRO A 230 8.65 9.18 -6.65
C PRO A 230 7.81 8.32 -7.60
N TRP A 231 7.34 7.14 -7.17
CA TRP A 231 6.52 6.26 -7.98
C TRP A 231 5.02 6.47 -7.79
N ALA A 232 4.61 7.33 -6.85
CA ALA A 232 3.22 7.29 -6.39
C ALA A 232 2.23 8.14 -7.17
N VAL A 233 2.66 9.20 -7.85
CA VAL A 233 1.73 10.09 -8.53
C VAL A 233 2.22 10.28 -9.96
N THR A 234 1.36 9.98 -10.94
CA THR A 234 1.68 10.18 -12.35
C THR A 234 1.44 11.64 -12.73
N SER A 235 2.38 12.21 -13.49
CA SER A 235 2.20 13.59 -13.93
C SER A 235 1.13 13.68 -15.01
N LEU A 236 0.47 14.84 -15.10
CA LEU A 236 -0.53 14.99 -16.16
C LEU A 236 0.09 14.86 -17.55
N TYR A 237 1.37 15.22 -17.69
CA TYR A 237 2.07 15.02 -18.94
C TYR A 237 2.16 13.53 -19.29
N GLU A 238 2.77 12.74 -18.40
CA GLU A 238 2.90 11.31 -18.69
C GLU A 238 1.53 10.65 -18.83
N ALA A 239 0.54 11.09 -18.06
CA ALA A 239 -0.76 10.43 -18.10
C ALA A 239 -1.39 10.56 -19.48
N ARG A 240 -1.34 11.75 -20.09
CA ARG A 240 -1.82 11.91 -21.46
C ARG A 240 -1.00 11.08 -22.43
N ASN A 241 0.33 11.15 -22.35
CA ASN A 241 1.18 10.36 -23.25
C ASN A 241 0.88 8.88 -23.13
N ARG A 242 0.50 8.42 -21.92
CA ARG A 242 0.27 6.99 -21.69
C ARG A 242 -1.10 6.56 -22.18
N THR A 243 -2.14 7.35 -21.90
CA THR A 243 -3.47 7.10 -22.47
C THR A 243 -3.41 7.09 -24.00
N LEU A 244 -2.67 8.02 -24.60
CA LEU A 244 -2.55 8.06 -26.06
C LEU A 244 -1.79 6.85 -26.58
N ASN A 245 -0.67 6.51 -25.93
CA ASN A 245 0.09 5.33 -26.35
C ASN A 245 -0.76 4.06 -26.25
N LEU A 246 -1.55 3.94 -25.18
CA LEU A 246 -2.48 2.82 -25.09
C LEU A 246 -3.47 2.82 -26.25
N ALA A 247 -3.98 4.00 -26.63
CA ALA A 247 -4.87 4.09 -27.78
C ALA A 247 -4.21 3.55 -29.03
N LYS A 248 -3.04 4.10 -29.38
CA LYS A 248 -2.28 3.57 -30.52
C LYS A 248 -2.12 2.06 -30.43
N LEU A 249 -1.62 1.55 -29.29
CA LEU A 249 -1.37 0.13 -29.11
C LEU A 249 -2.60 -0.74 -29.39
N THR A 250 -3.80 -0.19 -29.19
CA THR A 250 -5.03 -0.96 -29.36
C THR A 250 -5.80 -0.56 -30.61
N GLY A 251 -5.20 0.22 -31.51
CA GLY A 251 -5.92 0.69 -32.68
C GLY A 251 -7.12 1.55 -32.34
N CYS A 252 -7.05 2.28 -31.22
CA CYS A 252 -8.14 3.12 -30.74
C CYS A 252 -7.85 4.61 -30.87
N SER A 253 -6.77 4.97 -31.56
CA SER A 253 -6.46 6.39 -31.75
C SER A 253 -7.58 7.08 -32.52
N ARG A 254 -8.11 8.15 -31.95
CA ARG A 254 -9.11 8.98 -32.61
C ARG A 254 -8.72 10.43 -32.35
N GLU A 255 -9.53 11.36 -32.87
CA GLU A 255 -9.37 12.77 -32.55
C GLU A 255 -10.36 13.24 -31.50
N ASN A 256 -11.61 12.78 -31.56
CA ASN A 256 -12.53 12.97 -30.45
C ASN A 256 -12.07 12.08 -29.30
N GLU A 257 -11.65 12.70 -28.20
CA GLU A 257 -11.14 11.94 -27.06
C GLU A 257 -12.19 10.99 -26.49
N THR A 258 -13.46 11.42 -26.47
CA THR A 258 -14.52 10.56 -25.98
C THR A 258 -14.65 9.31 -26.84
N GLU A 259 -14.44 9.45 -28.15
CA GLU A 259 -14.50 8.29 -29.04
C GLU A 259 -13.34 7.34 -28.80
N ILE A 260 -12.21 7.84 -28.32
CA ILE A 260 -11.12 6.95 -27.93
C ILE A 260 -11.57 6.05 -26.79
N ILE A 261 -12.23 6.64 -25.78
CA ILE A 261 -12.70 5.86 -24.65
C ILE A 261 -13.74 4.82 -25.08
N LYS A 262 -14.69 5.22 -25.94
CA LYS A 262 -15.66 4.26 -26.45
C LYS A 262 -14.98 3.09 -27.14
N CYS A 263 -13.94 3.38 -27.93
CA CYS A 263 -13.20 2.30 -28.58
C CYS A 263 -12.53 1.39 -27.55
N LEU A 264 -11.92 1.97 -26.52
CA LEU A 264 -11.28 1.17 -25.48
C LEU A 264 -12.32 0.36 -24.70
N ARG A 265 -13.56 0.83 -24.63
CA ARG A 265 -14.63 0.12 -23.96
C ARG A 265 -15.08 -1.14 -24.71
N ASN A 266 -14.69 -1.33 -25.97
CA ASN A 266 -15.03 -2.55 -26.70
C ASN A 266 -13.92 -3.59 -26.70
N LYS A 267 -12.69 -3.20 -26.33
CA LYS A 267 -11.62 -4.17 -26.22
C LYS A 267 -11.88 -5.10 -25.03
N ASP A 268 -11.46 -6.36 -25.17
CA ASP A 268 -11.56 -7.27 -24.05
C ASP A 268 -10.54 -6.88 -22.98
N PRO A 269 -10.85 -7.16 -21.71
CA PRO A 269 -9.90 -6.80 -20.64
C PRO A 269 -8.48 -7.25 -20.93
N GLN A 270 -8.30 -8.45 -21.52
CA GLN A 270 -6.96 -9.01 -21.65
C GLN A 270 -6.09 -8.21 -22.61
N GLU A 271 -6.71 -7.52 -23.56
CA GLU A 271 -5.90 -6.75 -24.50
C GLU A 271 -5.55 -5.36 -23.99
N ILE A 272 -6.37 -4.77 -23.12
CA ILE A 272 -5.90 -3.60 -22.37
C ILE A 272 -4.73 -3.98 -21.48
N LEU A 273 -4.83 -5.11 -20.80
CA LEU A 273 -3.77 -5.54 -19.88
C LEU A 273 -2.44 -5.74 -20.60
N LEU A 274 -2.48 -6.33 -21.79
CA LEU A 274 -1.24 -6.70 -22.47
C LEU A 274 -0.49 -5.48 -22.98
N ASN A 275 -1.20 -4.40 -23.29
CA ASN A 275 -0.52 -3.23 -23.81
C ASN A 275 -0.13 -2.22 -22.74
N GLU A 276 -0.58 -2.42 -21.49
CA GLU A 276 -0.19 -1.51 -20.40
C GLU A 276 1.31 -1.42 -20.24
N ALA A 277 2.04 -2.52 -20.51
CA ALA A 277 3.47 -2.56 -20.23
C ALA A 277 4.23 -1.53 -21.07
N PHE A 278 3.94 -1.49 -22.37
CA PHE A 278 4.71 -0.71 -23.33
C PHE A 278 4.27 0.75 -23.45
N VAL A 279 3.28 1.22 -22.69
CA VAL A 279 2.91 2.63 -22.80
C VAL A 279 4.02 3.56 -22.32
N VAL A 280 5.04 3.02 -21.67
CA VAL A 280 6.18 3.78 -21.18
C VAL A 280 7.41 3.28 -21.94
N PRO A 281 8.28 4.18 -22.46
CA PRO A 281 9.37 3.71 -23.33
C PRO A 281 10.44 2.93 -22.59
N TYR A 282 10.96 3.50 -21.51
CA TYR A 282 11.94 2.85 -20.64
C TYR A 282 11.32 2.69 -19.27
N GLY A 283 10.94 1.47 -18.91
CA GLY A 283 10.44 1.21 -17.58
C GLY A 283 11.53 0.73 -16.64
N THR A 284 11.19 0.74 -15.35
CA THR A 284 12.07 0.25 -14.29
C THR A 284 11.29 -0.78 -13.50
N PRO A 285 11.96 -1.48 -12.56
CA PRO A 285 11.21 -2.41 -11.70
C PRO A 285 10.16 -1.73 -10.83
N LEU A 286 10.18 -0.40 -10.73
CA LEU A 286 9.22 0.33 -9.91
C LEU A 286 8.23 1.13 -10.74
N SER A 287 8.18 0.91 -12.05
CA SER A 287 7.29 1.67 -12.92
C SER A 287 5.82 1.52 -12.50
N VAL A 288 5.10 2.64 -12.52
CA VAL A 288 3.67 2.68 -12.21
C VAL A 288 2.99 3.20 -13.48
N ASN A 289 2.67 2.27 -14.40
CA ASN A 289 2.13 2.66 -15.69
C ASN A 289 0.93 3.59 -15.56
N PHE A 290 -0.06 3.18 -14.78
CA PHE A 290 -1.27 3.98 -14.58
C PHE A 290 -1.51 4.15 -13.08
N GLY A 291 -1.29 5.36 -12.57
CA GLY A 291 -1.47 5.63 -11.16
C GLY A 291 -2.22 6.92 -10.88
N PRO A 292 -2.24 7.32 -9.61
CA PRO A 292 -2.98 8.54 -9.24
C PRO A 292 -2.47 9.73 -10.04
N THR A 293 -3.40 10.62 -10.37
CA THR A 293 -3.06 11.86 -11.06
C THR A 293 -3.76 13.01 -10.34
N VAL A 294 -3.31 14.23 -10.65
CA VAL A 294 -4.03 15.43 -10.22
C VAL A 294 -5.21 15.58 -11.19
N ASP A 295 -6.38 15.15 -10.75
CA ASP A 295 -7.56 15.04 -11.60
C ASP A 295 -8.52 16.22 -11.46
N GLY A 296 -8.28 17.14 -10.52
CA GLY A 296 -9.24 18.19 -10.23
C GLY A 296 -10.47 17.74 -9.47
N ASP A 297 -10.52 16.50 -9.00
CA ASP A 297 -11.69 15.97 -8.31
C ASP A 297 -11.27 15.35 -6.97
N PHE A 298 -10.77 14.12 -6.99
CA PHE A 298 -10.16 13.55 -5.79
C PHE A 298 -8.97 14.38 -5.34
N LEU A 299 -8.17 14.84 -6.28
CA LEU A 299 -6.91 15.51 -6.01
C LEU A 299 -6.92 16.86 -6.73
N THR A 300 -7.01 17.95 -5.95
CA THR A 300 -7.26 19.26 -6.53
C THR A 300 -5.99 20.05 -6.85
N ASP A 301 -4.82 19.59 -6.45
CA ASP A 301 -3.57 20.30 -6.71
C ASP A 301 -2.43 19.31 -6.51
N MET A 302 -1.24 19.68 -6.96
CA MET A 302 -0.08 18.81 -6.78
C MET A 302 0.10 18.48 -5.30
N PRO A 303 0.16 17.19 -4.92
CA PRO A 303 0.09 16.86 -3.49
C PRO A 303 1.25 17.43 -2.68
N ASP A 304 2.42 17.64 -3.29
CA ASP A 304 3.53 18.25 -2.55
C ASP A 304 3.20 19.67 -2.12
N ILE A 305 2.42 20.39 -2.93
CA ILE A 305 2.02 21.74 -2.54
C ILE A 305 1.06 21.67 -1.36
N LEU A 306 0.04 20.81 -1.47
CA LEU A 306 -0.92 20.62 -0.38
C LEU A 306 -0.22 20.21 0.92
N LEU A 307 0.71 19.25 0.84
CA LEU A 307 1.48 18.86 2.02
C LEU A 307 2.26 20.06 2.57
N GLU A 308 3.01 20.74 1.71
CA GLU A 308 3.87 21.82 2.16
C GLU A 308 3.07 22.94 2.83
N LEU A 309 1.83 23.17 2.40
CA LEU A 309 1.05 24.30 2.89
C LEU A 309 -0.05 23.86 3.85
N GLY A 310 0.08 22.67 4.43
CA GLY A 310 -0.83 22.23 5.48
C GLY A 310 -2.27 21.97 5.06
N GLN A 311 -2.51 21.59 3.80
CA GLN A 311 -3.88 21.34 3.33
C GLN A 311 -4.17 19.83 3.38
N PHE A 312 -4.49 19.34 4.57
CA PHE A 312 -4.78 17.93 4.77
C PHE A 312 -5.55 17.77 6.07
N LYS A 313 -6.17 16.59 6.22
CA LYS A 313 -6.91 16.29 7.43
C LYS A 313 -5.99 16.32 8.65
N LYS A 314 -6.41 17.05 9.69
CA LYS A 314 -5.64 17.20 10.93
C LYS A 314 -6.03 16.07 11.88
N THR A 315 -5.13 15.11 12.06
CA THR A 315 -5.39 13.92 12.86
C THR A 315 -4.04 13.28 13.17
N GLN A 316 -4.04 12.18 13.92
CA GLN A 316 -2.81 11.49 14.24
C GLN A 316 -2.44 10.53 13.13
N ILE A 317 -1.14 10.31 12.96
CA ILE A 317 -0.67 9.33 11.98
C ILE A 317 0.40 8.44 12.60
N LEU A 318 0.44 7.21 12.10
CA LEU A 318 1.48 6.23 12.39
C LEU A 318 2.11 5.85 11.06
N VAL A 319 3.43 5.97 10.97
CA VAL A 319 4.16 5.82 9.71
C VAL A 319 5.39 4.97 9.96
N GLY A 320 5.77 4.14 9.00
CA GLY A 320 7.04 3.45 9.21
C GLY A 320 7.56 2.81 7.95
N VAL A 321 8.76 2.23 8.07
CA VAL A 321 9.46 1.60 6.96
C VAL A 321 10.20 0.37 7.49
N ASN A 322 10.60 -0.50 6.56
CA ASN A 322 11.38 -1.68 6.87
C ASN A 322 12.84 -1.41 6.56
N LYS A 323 13.70 -2.20 7.21
CA LYS A 323 15.15 -1.96 7.14
C LYS A 323 15.68 -2.09 5.72
N ASP A 324 15.15 -3.04 4.92
CA ASP A 324 15.71 -3.30 3.58
C ASP A 324 14.62 -3.20 2.49
N GLU A 325 13.94 -2.06 2.46
CA GLU A 325 12.87 -1.82 1.48
C GLU A 325 13.31 -2.11 0.05
N GLY A 326 14.55 -1.80 -0.29
CA GLY A 326 14.94 -1.77 -1.68
C GLY A 326 15.34 -3.10 -2.30
N THR A 327 15.64 -4.14 -1.49
CA THR A 327 16.32 -5.32 -2.04
C THR A 327 15.42 -6.12 -2.98
N ALA A 328 14.12 -6.18 -2.68
CA ALA A 328 13.18 -6.94 -3.51
C ALA A 328 13.30 -6.58 -4.98
N PHE A 329 13.50 -5.31 -5.28
CA PHE A 329 13.44 -4.87 -6.67
C PHE A 329 14.68 -5.19 -7.44
N LEU A 330 15.79 -5.48 -6.77
CA LEU A 330 17.04 -5.78 -7.45
C LEU A 330 16.93 -7.05 -8.29
N VAL A 331 16.16 -8.04 -7.83
CA VAL A 331 16.07 -9.29 -8.58
C VAL A 331 15.01 -9.20 -9.67
N TYR A 332 14.42 -8.03 -9.89
CA TYR A 332 13.48 -7.80 -10.98
C TYR A 332 14.10 -6.94 -12.08
N GLY A 333 15.41 -7.00 -12.26
CA GLY A 333 16.01 -6.29 -13.38
C GLY A 333 17.47 -5.88 -13.26
N ALA A 334 18.00 -5.82 -12.04
CA ALA A 334 19.37 -5.33 -11.87
C ALA A 334 20.37 -6.41 -12.28
N PRO A 335 21.35 -6.08 -13.14
CA PRO A 335 22.29 -7.11 -13.60
C PRO A 335 23.18 -7.60 -12.47
N GLY A 336 23.51 -8.89 -12.52
CA GLY A 336 24.35 -9.53 -11.52
C GLY A 336 23.61 -10.05 -10.31
N PHE A 337 22.32 -9.77 -10.20
CA PHE A 337 21.53 -10.08 -9.04
C PHE A 337 20.74 -11.37 -9.27
N SER A 338 20.55 -12.15 -8.21
CA SER A 338 19.70 -13.34 -8.27
C SER A 338 19.27 -13.71 -6.87
N LYS A 339 18.01 -14.10 -6.72
CA LYS A 339 17.61 -14.60 -5.41
C LYS A 339 18.30 -15.92 -5.07
N ASP A 340 18.94 -16.60 -6.03
CA ASP A 340 19.50 -17.94 -5.82
C ASP A 340 21.02 -17.94 -5.63
N ASN A 341 21.64 -16.79 -5.41
CA ASN A 341 23.05 -16.70 -5.03
C ASN A 341 23.20 -15.38 -4.26
N ASN A 342 24.41 -15.09 -3.77
CA ASN A 342 24.54 -13.95 -2.86
C ASN A 342 24.81 -12.63 -3.59
N SER A 343 24.75 -12.61 -4.92
CA SER A 343 24.59 -11.38 -5.67
C SER A 343 25.69 -10.37 -5.40
N ILE A 344 26.89 -10.86 -5.10
CA ILE A 344 28.08 -9.99 -5.00
C ILE A 344 28.29 -9.34 -6.37
N ILE A 345 28.03 -8.05 -6.47
CA ILE A 345 28.19 -7.37 -7.74
C ILE A 345 29.42 -6.47 -7.67
N THR A 346 29.92 -6.09 -8.84
CA THR A 346 31.06 -5.21 -8.97
C THR A 346 30.62 -3.75 -9.19
N ARG A 347 31.62 -2.87 -9.18
CA ARG A 347 31.38 -1.44 -9.41
C ARG A 347 30.67 -1.22 -10.75
N LYS A 348 31.10 -1.95 -11.78
CA LYS A 348 30.49 -1.77 -13.09
C LYS A 348 29.07 -2.28 -13.11
N GLU A 349 28.78 -3.36 -12.37
CA GLU A 349 27.41 -3.82 -12.25
C GLU A 349 26.56 -2.84 -11.45
N PHE A 350 27.13 -2.25 -10.39
CA PHE A 350 26.45 -1.18 -9.67
C PHE A 350 26.08 -0.05 -10.61
N GLN A 351 27.04 0.39 -11.44
CA GLN A 351 26.77 1.49 -12.37
C GLN A 351 25.69 1.11 -13.37
N GLU A 352 25.77 -0.10 -13.93
CA GLU A 352 24.70 -0.59 -14.80
C GLU A 352 23.38 -0.65 -14.04
N GLY A 353 23.42 -1.01 -12.75
CA GLY A 353 22.20 -1.05 -11.95
C GLY A 353 21.52 0.31 -11.84
N LEU A 354 22.32 1.39 -11.74
CA LEU A 354 21.74 2.73 -11.67
C LEU A 354 21.06 3.10 -12.99
N LYS A 355 21.66 2.71 -14.13
CA LYS A 355 21.00 2.91 -15.41
C LYS A 355 19.62 2.27 -15.44
N ILE A 356 19.48 1.10 -14.79
CA ILE A 356 18.20 0.38 -14.75
C ILE A 356 17.18 1.14 -13.91
N PHE A 357 17.59 1.60 -12.73
CA PHE A 357 16.64 2.25 -11.83
C PHE A 357 16.42 3.73 -12.15
N PHE A 358 17.37 4.40 -12.80
CA PHE A 358 17.26 5.83 -13.10
C PHE A 358 17.52 6.09 -14.58
N PRO A 359 16.69 5.52 -15.47
CA PRO A 359 17.03 5.55 -16.90
C PRO A 359 16.96 6.93 -17.53
N GLY A 360 16.04 7.78 -17.11
CA GLY A 360 15.93 9.10 -17.69
C GLY A 360 16.74 10.17 -16.96
N VAL A 361 17.67 9.75 -16.10
CA VAL A 361 18.44 10.66 -15.25
C VAL A 361 19.78 10.96 -15.92
N SER A 362 20.23 12.21 -15.82
CA SER A 362 21.48 12.63 -16.44
C SER A 362 22.66 11.80 -15.94
N GLU A 363 23.71 11.79 -16.75
CA GLU A 363 24.97 11.16 -16.33
C GLU A 363 25.47 11.73 -15.02
N PHE A 364 25.43 13.05 -14.87
CA PHE A 364 25.87 13.66 -13.62
C PHE A 364 25.00 13.22 -12.46
N GLY A 365 23.70 13.06 -12.68
CA GLY A 365 22.82 12.58 -11.62
C GLY A 365 23.22 11.21 -11.11
N LYS A 366 23.55 10.30 -12.04
CA LYS A 366 23.91 8.94 -11.63
C LYS A 366 25.25 8.93 -10.91
N GLU A 367 26.24 9.70 -11.41
CA GLU A 367 27.50 9.83 -10.70
C GLU A 367 27.30 10.32 -9.27
N SER A 368 26.36 11.24 -9.07
CA SER A 368 26.17 11.81 -7.75
C SER A 368 25.59 10.78 -6.77
N ILE A 369 24.72 9.89 -7.27
CA ILE A 369 24.29 8.77 -6.44
C ILE A 369 25.48 7.87 -6.10
N LEU A 370 26.25 7.49 -7.11
CA LEU A 370 27.45 6.70 -6.87
C LEU A 370 28.34 7.37 -5.84
N PHE A 371 28.59 8.68 -6.01
CA PHE A 371 29.47 9.40 -5.10
C PHE A 371 28.96 9.32 -3.68
N HIS A 372 27.65 9.50 -3.48
CA HIS A 372 27.10 9.53 -2.13
C HIS A 372 27.08 8.15 -1.46
N TYR A 373 26.97 7.07 -2.24
CA TYR A 373 26.75 5.75 -1.65
C TYR A 373 27.97 4.85 -1.73
N THR A 374 29.12 5.35 -2.19
CA THR A 374 30.31 4.50 -2.33
C THR A 374 31.50 5.04 -1.54
N ASP A 375 31.23 5.83 -0.50
CA ASP A 375 32.30 6.26 0.40
C ASP A 375 32.42 5.22 1.51
N TRP A 376 33.18 4.17 1.20
CA TRP A 376 33.16 2.96 2.02
C TRP A 376 33.83 3.14 3.37
N VAL A 377 33.20 2.56 4.39
CA VAL A 377 33.89 2.32 5.66
C VAL A 377 34.91 1.19 5.52
N ASP A 378 34.81 0.40 4.45
CA ASP A 378 35.86 -0.55 4.07
C ASP A 378 35.75 -0.82 2.58
N ASP A 379 36.84 -0.57 1.83
CA ASP A 379 36.84 -0.65 0.37
C ASP A 379 37.01 -2.06 -0.17
N GLN A 380 37.26 -3.04 0.69
CA GLN A 380 37.55 -4.40 0.26
C GLN A 380 36.41 -5.37 0.50
N ARG A 381 35.33 -4.95 1.17
CA ARG A 381 34.19 -5.82 1.43
C ARG A 381 33.53 -6.23 0.13
N PRO A 382 33.45 -7.53 -0.19
CA PRO A 382 32.89 -7.94 -1.49
C PRO A 382 31.44 -7.52 -1.71
N GLU A 383 30.66 -7.34 -0.65
CA GLU A 383 29.24 -7.03 -0.81
C GLU A 383 28.96 -5.54 -0.69
N ASN A 384 30.01 -4.70 -0.74
CA ASN A 384 29.80 -3.26 -0.63
C ASN A 384 28.81 -2.76 -1.67
N TYR A 385 28.99 -3.20 -2.92
CA TYR A 385 28.17 -2.67 -4.00
C TYR A 385 26.76 -3.25 -3.97
N ARG A 386 26.63 -4.52 -3.61
CA ARG A 386 25.30 -5.14 -3.50
C ARG A 386 24.42 -4.39 -2.50
N GLU A 387 24.96 -4.11 -1.31
CA GLU A 387 24.21 -3.39 -0.30
C GLU A 387 23.95 -1.95 -0.71
N ALA A 388 24.91 -1.32 -1.39
CA ALA A 388 24.74 0.09 -1.77
C ALA A 388 23.53 0.26 -2.68
N LEU A 389 23.41 -0.62 -3.68
CA LEU A 389 22.30 -0.48 -4.63
C LEU A 389 20.96 -0.68 -3.94
N GLY A 390 20.87 -1.67 -3.06
CA GLY A 390 19.66 -1.86 -2.26
C GLY A 390 19.28 -0.63 -1.47
N ASP A 391 20.27 -0.01 -0.80
CA ASP A 391 19.98 1.19 -0.01
C ASP A 391 19.57 2.36 -0.89
N VAL A 392 20.23 2.53 -2.03
CA VAL A 392 19.81 3.50 -3.03
C VAL A 392 18.31 3.36 -3.32
N VAL A 393 17.89 2.15 -3.72
CA VAL A 393 16.50 1.94 -4.17
C VAL A 393 15.52 2.18 -3.03
N GLY A 394 15.85 1.68 -1.82
CA GLY A 394 14.93 1.81 -0.69
C GLY A 394 14.88 3.20 -0.11
N ASP A 395 16.04 3.89 -0.03
CA ASP A 395 16.05 5.25 0.50
C ASP A 395 15.28 6.18 -0.43
N TYR A 396 15.62 6.14 -1.73
CA TYR A 396 14.97 6.99 -2.71
C TYR A 396 13.48 6.75 -2.78
N ASN A 397 13.07 5.49 -2.84
CA ASN A 397 11.69 5.17 -3.16
C ASN A 397 10.77 5.05 -1.95
N PHE A 398 11.30 4.77 -0.76
CA PHE A 398 10.42 4.52 0.39
C PHE A 398 10.82 5.28 1.67
N ILE A 399 12.06 5.13 2.12
CA ILE A 399 12.41 5.60 3.46
C ILE A 399 12.41 7.12 3.53
N CYS A 400 13.18 7.78 2.65
CA CYS A 400 13.25 9.23 2.68
C CYS A 400 11.92 9.91 2.35
N PRO A 401 11.09 9.43 1.40
CA PRO A 401 9.77 10.05 1.22
C PRO A 401 8.88 9.90 2.45
N ALA A 402 8.92 8.75 3.14
CA ALA A 402 8.11 8.55 4.33
C ALA A 402 8.58 9.45 5.48
N LEU A 403 9.89 9.57 5.67
CA LEU A 403 10.39 10.50 6.69
C LEU A 403 10.00 11.95 6.36
N GLU A 404 10.08 12.34 5.08
CA GLU A 404 9.71 13.70 4.72
CA GLU A 404 9.71 13.70 4.67
C GLU A 404 8.22 13.97 4.93
N PHE A 405 7.37 13.01 4.52
CA PHE A 405 5.94 13.13 4.79
C PHE A 405 5.68 13.33 6.27
N THR A 406 6.29 12.50 7.11
CA THR A 406 6.06 12.58 8.55
C THR A 406 6.49 13.93 9.11
N LYS A 407 7.67 14.41 8.70
CA LYS A 407 8.15 15.72 9.15
C LYS A 407 7.18 16.81 8.76
N LYS A 408 6.85 16.88 7.47
CA LYS A 408 5.99 17.95 7.00
C LYS A 408 4.61 17.88 7.64
N PHE A 409 4.08 16.65 7.86
CA PHE A 409 2.74 16.51 8.42
C PHE A 409 2.73 16.89 9.89
N SER A 410 3.74 16.45 10.64
CA SER A 410 3.82 16.79 12.05
C SER A 410 4.06 18.28 12.29
N GLU A 411 4.59 19.02 11.31
CA GLU A 411 4.84 20.44 11.55
C GLU A 411 3.56 21.24 11.72
N TRP A 412 2.41 20.67 11.43
CA TRP A 412 1.15 21.37 11.59
C TRP A 412 0.46 21.00 12.88
N GLY A 413 1.14 20.35 13.81
CA GLY A 413 0.64 20.24 15.16
C GLY A 413 -0.06 18.94 15.52
N ASN A 414 0.05 17.91 14.69
CA ASN A 414 -0.56 16.64 15.05
C ASN A 414 0.48 15.66 15.53
N ASN A 415 0.08 14.79 16.43
CA ASN A 415 0.94 13.71 16.87
C ASN A 415 1.21 12.73 15.74
N ALA A 416 2.48 12.47 15.50
CA ALA A 416 2.93 11.44 14.58
C ALA A 416 3.83 10.47 15.32
N PHE A 417 3.76 9.21 14.92
CA PHE A 417 4.60 8.17 15.47
C PHE A 417 5.27 7.42 14.31
N PHE A 418 6.59 7.22 14.41
CA PHE A 418 7.35 6.63 13.32
C PHE A 418 8.07 5.38 13.81
N TYR A 419 8.01 4.30 13.01
CA TYR A 419 8.67 3.06 13.40
C TYR A 419 9.66 2.63 12.32
N TYR A 420 10.66 1.86 12.74
CA TYR A 420 11.65 1.26 11.86
C TYR A 420 11.62 -0.24 12.10
N PHE A 421 11.07 -1.00 11.17
CA PHE A 421 10.90 -2.44 11.33
C PHE A 421 12.13 -3.20 10.84
N GLU A 422 12.75 -3.98 11.71
CA GLU A 422 14.04 -4.58 11.35
C GLU A 422 14.10 -6.05 11.71
N HIS A 423 12.96 -6.74 11.76
CA HIS A 423 12.95 -8.17 11.98
C HIS A 423 12.78 -8.92 10.67
N ARG A 424 13.72 -9.81 10.36
CA ARG A 424 13.59 -10.71 9.22
C ARG A 424 12.83 -11.97 9.64
N SER A 425 11.71 -12.22 8.97
CA SER A 425 10.88 -13.38 9.29
C SER A 425 11.68 -14.67 9.22
N SER A 426 11.48 -15.53 10.23
CA SER A 426 12.11 -16.85 10.22
C SER A 426 11.66 -17.69 9.03
N LYS A 427 10.44 -17.48 8.57
CA LYS A 427 9.88 -18.23 7.46
C LYS A 427 10.18 -17.62 6.09
N LEU A 428 11.02 -16.58 6.01
CA LEU A 428 11.13 -15.81 4.76
C LEU A 428 11.70 -16.66 3.64
N PRO A 429 10.99 -16.78 2.51
CA PRO A 429 11.49 -17.63 1.42
C PRO A 429 12.61 -17.01 0.60
N TRP A 430 12.75 -15.68 0.62
CA TRP A 430 13.81 -15.02 -0.12
C TRP A 430 15.15 -15.22 0.61
N PRO A 431 16.28 -15.05 -0.08
CA PRO A 431 17.57 -15.31 0.57
C PRO A 431 17.91 -14.27 1.62
N GLU A 432 18.85 -14.65 2.49
CA GLU A 432 19.21 -13.83 3.65
C GLU A 432 19.82 -12.49 3.25
N TRP A 433 20.53 -12.41 2.12
CA TRP A 433 21.14 -11.13 1.75
C TRP A 433 20.10 -10.06 1.46
N MET A 434 18.84 -10.45 1.18
CA MET A 434 17.81 -9.45 0.94
C MET A 434 17.22 -8.87 2.21
N GLY A 435 17.46 -9.46 3.38
CA GLY A 435 17.22 -8.71 4.61
C GLY A 435 15.75 -8.61 4.98
N VAL A 436 15.38 -7.44 5.51
CA VAL A 436 14.03 -7.17 6.04
C VAL A 436 13.26 -6.50 4.91
N MET A 437 12.60 -7.31 4.09
CA MET A 437 12.17 -6.88 2.76
C MET A 437 10.86 -6.09 2.80
N HIS A 438 10.66 -5.29 1.75
CA HIS A 438 9.39 -4.61 1.47
C HIS A 438 8.23 -5.60 1.51
N GLY A 439 7.26 -5.33 2.39
CA GLY A 439 6.04 -6.10 2.49
C GLY A 439 6.04 -7.12 3.60
N TYR A 440 7.18 -7.34 4.27
CA TYR A 440 7.27 -8.47 5.16
C TYR A 440 7.12 -8.06 6.62
N GLU A 441 6.56 -6.87 6.86
CA GLU A 441 5.98 -6.56 8.16
C GLU A 441 4.49 -6.86 8.21
N ILE A 442 3.84 -7.00 7.04
CA ILE A 442 2.39 -7.11 6.98
C ILE A 442 1.91 -8.27 7.82
N GLU A 443 2.52 -9.45 7.65
CA GLU A 443 2.08 -10.61 8.42
C GLU A 443 2.18 -10.37 9.92
N PHE A 444 3.12 -9.52 10.36
CA PHE A 444 3.21 -9.22 11.79
C PHE A 444 2.08 -8.32 12.23
N VAL A 445 1.72 -7.33 11.38
CA VAL A 445 0.61 -6.44 11.69
C VAL A 445 -0.71 -7.21 11.78
N PHE A 446 -0.91 -8.19 10.89
CA PHE A 446 -2.18 -8.95 10.88
C PHE A 446 -2.17 -10.11 11.87
N GLY A 447 -1.07 -10.33 12.59
CA GLY A 447 -1.11 -11.30 13.67
C GLY A 447 -0.95 -12.74 13.26
N LEU A 448 -0.45 -13.01 12.05
CA LEU A 448 -0.24 -14.40 11.63
C LEU A 448 0.71 -15.17 12.54
N PRO A 449 1.78 -14.58 13.11
CA PRO A 449 2.60 -15.34 14.06
C PRO A 449 1.88 -15.69 15.35
N LEU A 450 0.72 -15.11 15.63
CA LEU A 450 -0.04 -15.52 16.81
C LEU A 450 -0.58 -16.93 16.67
N GLU A 451 -0.63 -17.47 15.45
CA GLU A 451 -1.10 -18.84 15.22
C GLU A 451 0.09 -19.77 15.40
N ARG A 452 0.08 -20.50 16.52
CA ARG A 452 1.24 -21.30 16.92
C ARG A 452 1.50 -22.46 15.98
N ARG A 453 0.54 -22.85 15.15
CA ARG A 453 0.74 -23.95 14.22
C ARG A 453 1.68 -23.61 13.06
N ASP A 454 1.98 -22.34 12.81
CA ASP A 454 2.51 -21.91 11.52
C ASP A 454 4.02 -21.69 11.51
N GLN A 455 4.77 -22.39 12.35
CA GLN A 455 6.24 -22.48 12.28
C GLN A 455 6.97 -21.17 12.58
N TYR A 456 6.27 -20.12 13.02
CA TYR A 456 6.96 -18.93 13.53
C TYR A 456 7.58 -19.23 14.89
N THR A 457 8.67 -18.53 15.20
CA THR A 457 9.29 -18.74 16.50
C THR A 457 8.46 -18.11 17.63
N LYS A 458 8.86 -18.39 18.87
CA LYS A 458 8.18 -17.77 20.01
C LYS A 458 8.47 -16.28 20.07
N ALA A 459 9.70 -15.88 19.75
CA ALA A 459 10.04 -14.47 19.78
C ALA A 459 9.19 -13.67 18.79
N GLU A 460 8.75 -14.32 17.70
CA GLU A 460 7.94 -13.65 16.69
C GLU A 460 6.49 -13.57 17.08
N GLU A 461 6.00 -14.54 17.86
CA GLU A 461 4.67 -14.41 18.46
C GLU A 461 4.62 -13.19 19.37
N ILE A 462 5.61 -13.04 20.25
CA ILE A 462 5.63 -11.91 21.17
C ILE A 462 5.67 -10.59 20.40
N LEU A 463 6.54 -10.49 19.40
CA LEU A 463 6.64 -9.26 18.61
C LEU A 463 5.34 -8.95 17.87
N SER A 464 4.77 -9.93 17.20
CA SER A 464 3.49 -9.71 16.55
C SER A 464 2.42 -9.30 17.56
N ARG A 465 2.40 -9.95 18.72
CA ARG A 465 1.44 -9.63 19.78
C ARG A 465 1.56 -8.17 20.21
N SER A 466 2.78 -7.67 20.36
N SER A 466 2.79 -7.67 20.37
CA SER A 466 2.94 -6.28 20.78
CA SER A 466 2.97 -6.29 20.77
C SER A 466 2.59 -5.32 19.66
C SER A 466 2.58 -5.32 19.66
N ILE A 467 2.95 -5.65 18.41
CA ILE A 467 2.59 -4.80 17.27
C ILE A 467 1.08 -4.72 17.12
N VAL A 468 0.40 -5.86 17.17
CA VAL A 468 -1.05 -5.90 17.09
C VAL A 468 -1.67 -5.00 18.15
N LYS A 469 -1.16 -5.08 19.40
CA LYS A 469 -1.66 -4.22 20.47
C LYS A 469 -1.39 -2.74 20.16
N ARG A 470 -0.19 -2.41 19.68
CA ARG A 470 0.11 -1.00 19.41
C ARG A 470 -0.76 -0.46 18.26
N TRP A 471 -0.94 -1.24 17.19
CA TRP A 471 -1.79 -0.80 16.09
C TRP A 471 -3.24 -0.59 16.55
N ALA A 472 -3.74 -1.49 17.41
CA ALA A 472 -5.12 -1.38 17.87
C ALA A 472 -5.28 -0.23 18.85
N ASN A 473 -4.28 0.00 19.69
CA ASN A 473 -4.36 1.17 20.58
C ASN A 473 -4.28 2.46 19.79
N PHE A 474 -3.50 2.49 18.71
CA PHE A 474 -3.49 3.69 17.88
C PHE A 474 -4.86 3.96 17.26
N ALA A 475 -5.48 2.92 16.71
CA ALA A 475 -6.81 3.10 16.11
C ALA A 475 -7.85 3.50 17.15
N LYS A 476 -7.85 2.81 18.30
CA LYS A 476 -8.84 3.09 19.32
C LYS A 476 -8.60 4.46 19.97
N TYR A 477 -7.35 4.78 20.29
CA TYR A 477 -7.05 5.91 21.18
C TYR A 477 -6.06 6.92 20.64
N GLY A 478 -5.56 6.76 19.42
CA GLY A 478 -4.59 7.68 18.86
C GLY A 478 -3.20 7.61 19.46
N ASN A 479 -2.85 6.51 20.12
CA ASN A 479 -1.60 6.44 20.87
C ASN A 479 -1.06 5.01 20.86
N PRO A 480 0.03 4.69 20.06
CA PRO A 480 0.41 3.29 19.81
C PRO A 480 1.28 2.69 20.91
N GLN A 481 0.81 2.79 22.16
CA GLN A 481 1.53 2.25 23.29
C GLN A 481 1.07 0.83 23.59
N GLU A 482 1.96 0.07 24.21
CA GLU A 482 1.65 -1.17 24.90
C GLU A 482 1.88 -0.84 26.37
N THR A 483 0.79 -0.68 27.12
CA THR A 483 0.88 -0.07 28.44
C THR A 483 1.10 -1.05 29.58
N GLN A 484 1.07 -2.35 29.32
CA GLN A 484 0.90 -3.30 30.40
C GLN A 484 2.15 -4.12 30.71
N ASN A 485 2.96 -4.45 29.72
CA ASN A 485 4.06 -5.40 29.87
C ASN A 485 5.42 -4.70 29.93
N GLN A 486 5.51 -3.58 30.64
CA GLN A 486 6.72 -2.78 30.79
C GLN A 486 7.46 -2.61 29.46
N SER A 487 6.73 -2.12 28.47
CA SER A 487 7.28 -1.91 27.15
C SER A 487 7.93 -0.54 27.05
N THR A 488 8.80 -0.40 26.05
CA THR A 488 9.36 0.90 25.69
C THR A 488 8.25 1.82 25.23
N SER A 489 8.22 3.02 25.80
CA SER A 489 7.23 4.01 25.40
C SER A 489 7.60 4.59 24.05
N TRP A 490 6.59 4.75 23.18
CA TRP A 490 6.80 5.25 21.82
C TRP A 490 6.59 6.76 21.79
N PRO A 491 7.64 7.57 21.62
CA PRO A 491 7.47 9.03 21.65
C PRO A 491 6.92 9.56 20.36
N VAL A 492 6.26 10.72 20.44
CA VAL A 492 5.82 11.38 19.21
C VAL A 492 7.06 11.78 18.39
N PHE A 493 6.90 11.76 17.08
CA PHE A 493 7.90 12.25 16.14
C PHE A 493 7.69 13.75 15.97
N LYS A 494 8.72 14.53 16.26
CA LYS A 494 8.72 15.97 16.04
C LYS A 494 9.81 16.31 15.02
N SER A 495 9.57 17.35 14.23
CA SER A 495 10.52 17.71 13.18
C SER A 495 11.89 18.10 13.74
N THR A 496 11.97 18.52 14.99
CA THR A 496 13.28 18.83 15.57
C THR A 496 14.03 17.55 15.98
N GLU A 497 13.50 16.80 16.94
CA GLU A 497 14.27 15.66 17.46
C GLU A 497 14.12 14.39 16.63
N GLN A 498 12.98 14.21 15.98
CA GLN A 498 12.81 13.12 15.01
C GLN A 498 13.09 11.75 15.61
N LYS A 499 12.56 11.52 16.81
CA LYS A 499 12.63 10.22 17.46
C LYS A 499 11.73 9.22 16.76
N TYR A 500 12.23 7.99 16.62
CA TYR A 500 11.47 6.86 16.08
C TYR A 500 11.73 5.64 16.95
N LEU A 501 10.86 4.64 16.80
CA LEU A 501 10.92 3.40 17.56
C LEU A 501 11.31 2.25 16.63
N THR A 502 12.26 1.42 17.07
CA THR A 502 12.65 0.24 16.29
C THR A 502 11.88 -0.97 16.78
N LEU A 503 11.54 -1.85 15.85
CA LEU A 503 10.66 -3.00 16.08
C LEU A 503 11.46 -4.25 15.73
N ASN A 504 11.78 -5.05 16.74
CA ASN A 504 12.52 -6.28 16.51
C ASN A 504 12.29 -7.19 17.69
N THR A 505 12.78 -8.43 17.58
CA THR A 505 12.57 -9.40 18.64
C THR A 505 13.54 -9.17 19.81
N GLU A 506 14.71 -8.59 19.54
CA GLU A 506 15.70 -8.33 20.57
C GLU A 506 15.32 -7.13 21.44
N SER A 507 15.93 -5.98 21.17
CA SER A 507 15.77 -4.77 21.97
C SER A 507 15.00 -3.74 21.16
N THR A 508 13.85 -3.33 21.69
CA THR A 508 13.06 -2.25 21.11
C THR A 508 13.60 -0.92 21.65
N ARG A 509 14.22 -0.11 20.77
CA ARG A 509 14.93 1.10 21.17
C ARG A 509 14.31 2.36 20.57
N ILE A 510 14.49 3.47 21.28
CA ILE A 510 14.27 4.80 20.72
C ILE A 510 15.56 5.30 20.09
N MET A 511 15.46 5.71 18.82
CA MET A 511 16.54 6.29 18.05
CA MET A 511 16.57 6.33 18.11
C MET A 511 16.09 7.61 17.45
N THR A 512 17.01 8.36 16.85
CA THR A 512 16.74 9.69 16.30
C THR A 512 17.31 9.81 14.90
N LYS A 513 16.58 10.55 14.04
CA LYS A 513 17.09 11.01 12.74
C LYS A 513 17.52 9.85 11.84
N LEU A 514 16.58 8.94 11.57
CA LEU A 514 16.81 7.85 10.63
C LEU A 514 17.39 8.33 9.30
N ARG A 515 18.48 7.70 8.86
CA ARG A 515 19.08 7.94 7.53
C ARG A 515 19.31 9.42 7.27
N ALA A 516 19.71 10.15 8.32
CA ALA A 516 19.86 11.61 8.20
C ALA A 516 20.65 11.97 6.96
N GLN A 517 21.86 11.40 6.83
CA GLN A 517 22.77 11.77 5.75
C GLN A 517 22.26 11.35 4.39
N GLN A 518 21.69 10.14 4.28
CA GLN A 518 21.17 9.67 3.00
C GLN A 518 20.01 10.52 2.52
N CYS A 519 19.11 10.93 3.42
CA CYS A 519 17.89 11.62 3.00
C CYS A 519 18.13 13.08 2.66
N ARG A 520 19.13 13.73 3.27
CA ARG A 520 19.47 15.07 2.80
C ARG A 520 19.86 15.04 1.33
N PHE A 521 20.54 13.98 0.89
CA PHE A 521 20.85 13.85 -0.53
C PHE A 521 19.58 13.70 -1.36
N TRP A 522 18.72 12.75 -1.00
CA TRP A 522 17.55 12.48 -1.85
C TRP A 522 16.55 13.63 -1.79
N THR A 523 16.39 14.25 -0.62
CA THR A 523 15.29 15.17 -0.39
C THR A 523 15.65 16.59 -0.77
N SER A 524 16.89 17.01 -0.54
CA SER A 524 17.30 18.37 -0.81
C SER A 524 18.00 18.52 -2.15
N PHE A 525 19.00 17.69 -2.44
CA PHE A 525 19.82 17.85 -3.64
C PHE A 525 19.21 17.15 -4.86
N PHE A 526 19.01 15.83 -4.78
CA PHE A 526 18.65 15.06 -5.96
C PHE A 526 17.45 15.61 -6.74
N PRO A 527 16.41 16.17 -6.13
CA PRO A 527 15.32 16.75 -6.93
C PRO A 527 15.77 17.80 -7.94
N LYS A 528 16.99 18.35 -7.80
CA LYS A 528 17.45 19.39 -8.71
C LYS A 528 17.97 18.81 -10.02
N VAL A 529 18.70 17.70 -9.95
CA VAL A 529 19.34 17.11 -11.13
C VAL A 529 18.28 16.73 -12.18
C1 NAG B . -27.32 -18.68 0.06
C2 NAG B . -27.98 -19.39 -1.13
C3 NAG B . -29.21 -20.18 -0.70
C4 NAG B . -28.90 -21.09 0.49
C5 NAG B . -28.28 -20.28 1.61
C6 NAG B . -27.89 -21.11 2.81
C7 NAG B . -27.82 -18.42 -3.39
C8 NAG B . -28.31 -17.33 -4.31
N2 NAG B . -28.35 -18.42 -2.16
O3 NAG B . -29.67 -20.96 -1.79
O4 NAG B . -30.08 -21.73 0.96
O5 NAG B . -27.07 -19.65 1.12
O6 NAG B . -26.73 -21.91 2.58
O7 NAG B . -26.99 -19.24 -3.73
C1 FUC B . -26.78 -23.08 3.42
C2 FUC B . -25.44 -23.85 3.24
C3 FUC B . -24.28 -23.06 3.82
C4 FUC B . -24.53 -22.80 5.33
C5 FUC B . -25.90 -22.12 5.56
C6 FUC B . -26.31 -22.13 7.03
O2 FUC B . -25.19 -24.20 1.88
O3 FUC B . -23.05 -23.78 3.68
O4 FUC B . -24.46 -24.01 6.08
O5 FUC B . -27.00 -22.75 4.82
C1 NAG C . -20.34 4.89 19.87
C2 NAG C . -21.72 5.38 20.33
C3 NAG C . -21.94 6.84 19.92
C4 NAG C . -20.76 7.73 20.32
C5 NAG C . -19.43 7.11 19.86
C6 NAG C . -18.21 7.87 20.36
C7 NAG C . -23.15 3.37 20.33
C8 NAG C . -24.28 2.65 19.65
N2 NAG C . -22.78 4.54 19.79
O3 NAG C . -23.15 7.30 20.52
O4 NAG C . -20.88 9.00 19.70
O5 NAG C . -19.32 5.77 20.36
O6 NAG C . -17.02 7.56 19.62
O7 NAG C . -22.60 2.91 21.33
C1 NAG C . -21.71 9.95 20.40
C2 NAG C . -21.01 11.31 20.43
C3 NAG C . -21.90 12.38 21.06
C4 NAG C . -23.26 12.41 20.37
C5 NAG C . -23.88 11.02 20.39
C6 NAG C . -25.19 10.95 19.65
C7 NAG C . -18.62 11.81 20.70
C8 NAG C . -17.41 11.64 21.55
N2 NAG C . -19.74 11.23 21.14
O3 NAG C . -21.26 13.65 20.95
O4 NAG C . -24.12 13.34 21.02
O5 NAG C . -23.00 10.08 19.76
O6 NAG C . -26.23 11.64 20.35
O7 NAG C . -18.59 12.45 19.64
C1 FUC C . -15.84 8.14 20.26
C2 FUC C . -14.46 7.34 19.96
C3 FUC C . -13.81 7.65 18.55
C4 FUC C . -13.76 9.18 18.25
C5 FUC C . -15.14 9.89 18.60
C6 FUC C . -15.07 11.43 18.54
O2 FUC C . -14.52 5.91 20.23
O3 FUC C . -12.42 7.11 18.43
O4 FUC C . -12.64 9.81 18.92
O5 FUC C . -15.66 9.55 19.94
C1 NAG D . 5.43 9.57 -25.43
C2 NAG D . 6.83 9.21 -24.97
C3 NAG D . 7.80 9.32 -26.14
C4 NAG D . 7.37 8.36 -27.23
C5 NAG D . 5.89 8.53 -27.61
C6 NAG D . 5.37 7.35 -28.39
C7 NAG D . 7.35 11.33 -23.78
C8 NAG D . 7.86 11.90 -22.49
N2 NAG D . 7.29 10.00 -23.83
O3 NAG D . 9.12 9.02 -25.72
O4 NAG D . 8.19 8.57 -28.38
O5 NAG D . 5.02 8.64 -26.46
O6 NAG D . 5.82 6.14 -27.80
O7 NAG D . 7.01 12.05 -24.73
C1 NAG D . 8.99 7.42 -28.77
C2 NAG D . 9.32 7.56 -30.27
C3 NAG D . 10.24 6.42 -30.72
C4 NAG D . 11.47 6.34 -29.83
C5 NAG D . 11.03 6.19 -28.37
C6 NAG D . 12.20 6.17 -27.42
C7 NAG D . 7.42 8.70 -31.34
C8 NAG D . 6.18 8.53 -32.18
N2 NAG D . 8.10 7.58 -31.07
O3 NAG D . 10.64 6.65 -32.07
O4 NAG D . 12.31 5.25 -30.21
O5 NAG D . 10.21 7.30 -28.00
O6 NAG D . 12.28 7.38 -26.68
O7 NAG D . 7.78 9.80 -30.92
C1 FUC D . 6.06 5.11 -28.79
C2 FUC D . 6.87 3.96 -28.13
C3 FUC D . 6.08 3.27 -26.98
C4 FUC D . 4.61 2.94 -27.40
C5 FUC D . 3.97 4.09 -28.23
C6 FUC D . 2.70 3.68 -28.94
O2 FUC D . 8.16 4.38 -27.68
O3 FUC D . 6.71 2.04 -26.59
O4 FUC D . 4.57 1.71 -28.12
O5 FUC D . 4.84 4.60 -29.25
C1 NAG E . 24.18 -14.91 -9.58
C2 NAG E . 25.61 -14.82 -10.14
C3 NAG E . 25.67 -13.89 -11.36
C4 NAG E . 24.57 -14.22 -12.37
C5 NAG E . 23.22 -14.26 -11.65
C6 NAG E . 22.06 -14.61 -12.54
C7 NAG E . 27.26 -15.15 -8.32
C8 NAG E . 27.19 -16.63 -8.62
N2 NAG E . 26.50 -14.36 -9.10
O3 NAG E . 26.94 -14.00 -11.97
O4 NAG E . 24.51 -13.19 -13.35
O5 NAG E . 23.28 -15.24 -10.61
O6 NAG E . 22.42 -15.59 -13.51
O7 NAG E . 27.98 -14.70 -7.43
C1 NAG E . 24.90 -13.59 -14.68
C2 NAG E . 24.27 -12.58 -15.66
C3 NAG E . 24.76 -12.83 -17.09
C4 NAG E . 26.28 -12.88 -17.13
C5 NAG E . 26.76 -13.94 -16.15
C6 NAG E . 28.27 -14.04 -16.08
C7 NAG E . 22.06 -11.63 -15.14
C8 NAG E . 20.58 -11.85 -15.16
N2 NAG E . 22.82 -12.64 -15.60
O3 NAG E . 24.30 -11.78 -17.93
O4 NAG E . 26.73 -13.17 -18.46
O5 NAG E . 26.31 -13.59 -14.83
O6 NAG E . 28.76 -13.59 -14.83
O7 NAG E . 22.57 -10.58 -14.73
C1 FUC E . 21.42 -16.63 -13.55
C2 FUC E . 21.87 -17.67 -14.61
C3 FUC E . 22.95 -18.65 -14.04
C4 FUC E . 22.52 -19.24 -12.68
C5 FUC E . 22.20 -18.10 -11.71
C6 FUC E . 21.75 -18.53 -10.30
O2 FUC E . 22.34 -17.03 -15.80
O3 FUC E . 23.13 -19.72 -14.95
O4 FUC E . 21.37 -20.10 -12.83
O5 FUC E . 21.18 -17.24 -12.26
C1 NAG F . 1.84 -9.55 28.06
C2 NAG F . 1.22 -9.84 26.69
C3 NAG F . 0.33 -11.10 26.75
C4 NAG F . 1.13 -12.28 27.28
C5 NAG F . 1.69 -11.94 28.64
C6 NAG F . 2.55 -13.04 29.22
C7 NAG F . 0.81 -7.99 25.12
C8 NAG F . -0.12 -6.88 24.74
N2 NAG F . 0.45 -8.71 26.19
O3 NAG F . -0.20 -11.40 25.47
O4 NAG F . 0.31 -13.44 27.41
O5 NAG F . 2.52 -10.76 28.55
O6 NAG F . 3.32 -12.59 30.33
O7 NAG F . 1.86 -8.20 24.51
C1 FUC F . 2.57 -12.75 31.56
C2 FUC F . 3.58 -12.57 32.72
C3 FUC F . 3.93 -11.09 33.00
C4 FUC F . 2.67 -10.15 33.05
C5 FUC F . 1.77 -10.41 31.82
C6 FUC F . 0.43 -9.65 31.87
O2 FUC F . 4.78 -13.30 32.49
O3 FUC F . 4.61 -11.00 34.25
O4 FUC F . 1.93 -10.33 34.25
O5 FUC F . 1.45 -11.84 31.67
C1 NAG G . -17.15 14.00 -29.46
C2 NAG G . -17.77 15.36 -29.81
C3 NAG G . -18.84 15.73 -28.77
C4 NAG G . -19.86 14.61 -28.63
C5 NAG G . -19.15 13.29 -28.30
C6 NAG G . -20.11 12.12 -28.21
C7 NAG G . -15.99 16.59 -30.97
C8 NAG G . -14.98 17.70 -30.88
N2 NAG G . -16.75 16.39 -29.90
O3 NAG G . -19.49 16.93 -29.16
O4 NAG G . -20.81 14.91 -27.61
O5 NAG G . -18.21 13.00 -29.33
O6 NAG G . -19.75 11.06 -29.08
O7 NAG G . -16.09 15.89 -31.98
C1 GOL H . 7.14 5.90 -14.34
O1 GOL H . 7.39 4.57 -14.67
C2 GOL H . 6.30 5.90 -13.03
O2 GOL H . 7.09 5.62 -11.91
C3 GOL H . 5.63 7.33 -12.97
O3 GOL H . 4.21 7.13 -12.81
C10 A1JC3 I . 7.91 -7.01 -6.58
C13 A1JC3 I . 7.10 -8.69 -4.35
C15 A1JC3 I . 9.00 -9.19 -2.90
C17 A1JC3 I . 7.24 -7.69 -2.12
C24 A1JC3 I . 4.84 -1.64 -9.59
C26 A1JC3 I . 5.81 -0.48 -7.65
C28 A1JC3 I . 6.78 0.66 -5.68
C01 A1JC3 I . 2.70 -7.91 -13.04
O02 A1JC3 I . 3.22 -6.80 -12.38
C03 A1JC3 I . 4.54 -6.44 -12.72
C04 A1JC3 I . 4.91 -5.10 -11.95
N05 A1JC3 I . 4.68 -5.22 -10.43
C06 A1JC3 I . 5.12 -6.46 -9.85
C07 A1JC3 I . 5.78 -6.32 -8.48
C08 A1JC3 I . 7.21 -5.75 -8.68
C09 A1JC3 I . 7.98 -5.72 -7.35
N11 A1JC3 I . 6.46 -7.44 -6.43
C12 A1JC3 I . 6.42 -8.80 -5.66
C14 A1JC3 I . 8.33 -9.33 -4.11
C16 A1JC3 I . 8.44 -8.36 -1.90
C18 A1JC3 I . 6.58 -7.86 -3.33
C19 A1JC3 I . 5.88 -7.62 -7.77
S20 A1JC3 I . 3.56 -4.24 -9.58
O21 A1JC3 I . 2.68 -3.73 -10.54
O22 A1JC3 I . 2.96 -5.00 -8.52
C23 A1JC3 I . 4.45 -2.80 -8.83
C25 A1JC3 I . 5.48 -0.57 -9.05
C27 A1JC3 I . 6.49 0.63 -7.01
C29 A1JC3 I . 6.39 -0.44 -4.88
C30 A1JC3 I . 5.76 -1.51 -5.44
C31 A1JC3 I . 5.44 -1.59 -6.84
C32 A1JC3 I . 4.76 -2.71 -7.50
S DMS J . 2.86 -4.66 -2.07
O DMS J . 3.54 -4.14 -3.30
C1 DMS J . 4.10 -5.52 -1.06
C2 DMS J . 1.80 -6.07 -2.52
C1 GOL K . 21.50 13.53 16.62
O1 GOL K . 21.47 14.73 15.86
C2 GOL K . 20.58 13.74 17.85
O2 GOL K . 19.43 13.00 17.79
C3 GOL K . 21.43 13.36 19.10
O3 GOL K . 20.75 13.84 20.23
O1 MES L . 21.54 6.72 9.75
C2 MES L . 20.54 6.43 10.74
C3 MES L . 20.45 4.95 11.12
N4 MES L . 20.67 4.10 9.95
C5 MES L . 21.82 4.41 9.11
C6 MES L . 21.59 5.83 8.63
C7 MES L . 20.35 2.69 10.17
C8 MES L . 20.92 1.94 8.97
S MES L . 20.76 0.28 9.03
O1S MES L . 19.53 -0.14 9.77
O2S MES L . 21.95 -0.30 9.71
O3S MES L . 20.74 -0.20 7.62
C1 SIA M . -19.38 -20.00 -7.77
C2 SIA M . -20.07 -19.35 -9.06
C3 SIA M . -20.12 -17.81 -9.07
C4 SIA M . -18.82 -17.09 -9.42
C5 SIA M . -18.18 -17.69 -10.69
C6 SIA M . -18.02 -19.22 -10.45
C7 SIA M . -17.43 -19.97 -11.67
C8 SIA M . -17.60 -21.51 -11.59
C9 SIA M . -16.70 -22.16 -12.63
C10 SIA M . -16.76 -15.93 -11.85
C11 SIA M . -15.32 -15.52 -12.12
N5 SIA M . -16.91 -17.07 -11.10
O1A SIA M . -19.12 -21.24 -7.92
O1B SIA M . -19.15 -19.25 -6.80
O2 SIA M . -21.34 -19.89 -9.20
O4 SIA M . -18.99 -15.67 -9.64
O6 SIA M . -19.30 -19.79 -10.23
O7 SIA M . -17.99 -19.40 -12.86
O8 SIA M . -17.34 -22.06 -10.28
O9 SIA M . -15.36 -21.69 -12.45
O10 SIA M . -17.68 -15.24 -12.30
S SO4 N . 10.24 -3.82 24.88
O1 SO4 N . 9.62 -4.48 26.04
O2 SO4 N . 9.27 -2.90 24.27
O3 SO4 N . 11.41 -3.07 25.32
O4 SO4 N . 10.68 -4.84 23.91
S SO4 O . 34.63 4.92 -13.16
O1 SO4 O . 34.44 3.69 -12.39
O2 SO4 O . 33.85 4.88 -14.40
O3 SO4 O . 34.23 6.08 -12.35
O4 SO4 O . 36.05 5.03 -13.50
S SO4 P . -2.96 15.55 18.36
O1 SO4 P . -2.27 14.71 19.33
O2 SO4 P . -4.39 15.51 18.67
O3 SO4 P . -2.48 16.94 18.48
O4 SO4 P . -2.71 15.04 17.01
S SO4 Q . -4.31 -18.87 -0.48
O1 SO4 Q . -4.37 -20.27 -0.93
O2 SO4 Q . -5.67 -18.31 -0.56
O3 SO4 Q . -3.83 -18.80 0.92
O4 SO4 Q . -3.40 -18.14 -1.36
CL CL R . -15.13 10.30 11.44
#